data_6ZGT
#
_entry.id   6ZGT
#
_cell.length_a   102.534
_cell.length_b   199.623
_cell.length_c   61.934
_cell.angle_alpha   90.000
_cell.angle_beta   90.000
_cell.angle_gamma   90.000
#
_symmetry.space_group_name_H-M   'P 21 21 2'
#
loop_
_entity.id
_entity.type
_entity.pdbx_description
1 polymer 'L-lactate transporter'
2 non-polymer 'naphthalene-2-carboxylic acid'
3 water water
#
_entity_poly.entity_id   1
_entity_poly.type   'polypeptide(L)'
_entity_poly.pdbx_seq_one_letter_code
;MADQQTTMPRWVPLLLGLLGSTTCGMLLYAWSVFIKPLNAEFGWSRAEIAMAFAICCLIFGLMTFPAGRLSDKMGPRKVV
MTGGVLLAIGFILSGFIQSKYQLYITYGVIAGFGGGMIYLPPIATAPKWWPDRRALATGFAVVGLGLGSFLMGPLATYII
EKPGMGWRYVFWYCGVAMGIMALIAGAFLEPPPAGWKPAGYTPPAPPAGAAAPKVTRDWTYEEAKGDTKFWLLYLAYFCG
SFAGLMVIGHLAGFGRDAGLTAMAAAGAVSSLAFSNAATRILSGWFVDKIGIRVYFAALFALQTAAMIAIFQLGGSVVGL
SIVAIVIGWNYGAMFTLFPATCLQFYGPTAQGSNYGLLFTACGLAGFAGPWVGGWLKDTTGTYYLPFLCAAALCALGTAI
VFMTKPPEKKHALELEVLFQ
;
_entity_poly.pdbx_strand_id   A,B
#
# COMPACT_ATOMS: atom_id res chain seq x y z
N THR A 7 20.79 22.35 -37.21
CA THR A 7 20.64 23.51 -36.33
C THR A 7 21.45 23.34 -35.03
N MET A 8 20.77 23.37 -33.87
CA MET A 8 21.48 23.37 -32.59
C MET A 8 21.94 21.96 -32.24
N PRO A 9 23.17 21.78 -31.76
CA PRO A 9 23.63 20.43 -31.42
C PRO A 9 22.71 19.80 -30.40
N ARG A 10 22.34 18.55 -30.65
CA ARG A 10 21.28 17.90 -29.88
C ARG A 10 21.65 17.64 -28.40
N TRP A 11 22.83 18.05 -27.96
CA TRP A 11 23.15 17.97 -26.54
C TRP A 11 22.78 19.24 -25.79
N VAL A 12 22.63 20.35 -26.50
CA VAL A 12 22.08 21.56 -25.88
C VAL A 12 20.79 21.29 -25.10
N PRO A 13 19.79 20.58 -25.65
CA PRO A 13 18.63 20.24 -24.83
C PRO A 13 18.98 19.61 -23.51
N LEU A 14 19.94 18.69 -23.48
CA LEU A 14 20.35 18.08 -22.22
C LEU A 14 20.87 19.13 -21.25
N LEU A 15 21.73 20.02 -21.73
CA LEU A 15 22.24 21.09 -20.87
C LEU A 15 21.09 21.92 -20.31
N LEU A 16 20.10 22.21 -21.14
CA LEU A 16 19.00 23.06 -20.72
C LEU A 16 18.18 22.36 -19.64
N GLY A 17 17.88 21.09 -19.84
CA GLY A 17 17.18 20.36 -18.81
C GLY A 17 17.98 20.24 -17.53
N LEU A 18 19.30 20.12 -17.65
CA LEU A 18 20.16 20.16 -16.47
C LEU A 18 19.97 21.48 -15.70
N LEU A 19 20.00 22.61 -16.43
CA LEU A 19 19.83 23.93 -15.80
C LEU A 19 18.45 24.09 -15.14
N GLY A 20 17.39 23.75 -15.88
CA GLY A 20 16.05 23.89 -15.32
C GLY A 20 15.80 22.98 -14.13
N SER A 21 16.20 21.71 -14.24
CA SER A 21 15.99 20.79 -13.13
C SER A 21 16.83 21.20 -11.93
N THR A 22 18.01 21.81 -12.16
CA THR A 22 18.80 22.29 -11.04
C THR A 22 18.07 23.41 -10.31
N THR A 23 17.52 24.37 -11.06
CA THR A 23 16.66 25.40 -10.48
C THR A 23 15.53 24.78 -9.62
N CYS A 24 14.86 23.73 -10.12
CA CYS A 24 13.79 23.11 -9.33
C CYS A 24 14.32 22.45 -8.05
N GLY A 25 15.50 21.85 -8.13
CA GLY A 25 16.09 21.25 -6.94
C GLY A 25 16.45 22.29 -5.91
N MET A 26 16.96 23.44 -6.35
CA MET A 26 17.22 24.56 -5.42
C MET A 26 15.93 24.96 -4.71
N LEU A 27 14.83 25.10 -5.49
CA LEU A 27 13.54 25.52 -4.91
C LEU A 27 13.05 24.52 -3.87
N LEU A 28 13.09 23.23 -4.20
CA LEU A 28 12.57 22.22 -3.28
C LEU A 28 13.49 21.99 -2.08
N TYR A 29 14.78 22.31 -2.17
CA TYR A 29 15.67 22.15 -1.02
C TYR A 29 15.60 23.32 -0.02
N ALA A 30 15.37 24.54 -0.51
CA ALA A 30 15.41 25.76 0.31
C ALA A 30 14.74 25.71 1.69
N TRP A 31 13.59 25.02 1.78
CA TRP A 31 12.78 25.10 3.00
C TRP A 31 13.57 24.67 4.23
N SER A 32 14.39 23.62 4.10
CA SER A 32 15.16 23.15 5.24
C SER A 32 16.12 24.24 5.70
N VAL A 33 16.68 24.99 4.73
CA VAL A 33 17.58 26.09 5.05
C VAL A 33 16.86 27.10 5.93
N PHE A 34 15.61 27.37 5.63
CA PHE A 34 14.92 28.38 6.44
C PHE A 34 14.28 27.85 7.72
N ILE A 35 14.34 26.54 8.00
CA ILE A 35 13.70 26.01 9.21
C ILE A 35 14.14 26.80 10.45
N LYS A 36 15.46 26.88 10.68
CA LYS A 36 15.91 27.50 11.92
C LYS A 36 15.76 29.02 11.94
N PRO A 37 16.10 29.77 10.88
CA PRO A 37 15.94 31.24 10.96
C PRO A 37 14.51 31.70 11.20
N LEU A 38 13.54 31.12 10.48
CA LEU A 38 12.15 31.47 10.67
C LEU A 38 11.66 31.14 12.08
N ASN A 39 12.19 30.07 12.68
CA ASN A 39 11.88 29.80 14.08
C ASN A 39 12.51 30.84 14.99
N ALA A 40 13.66 31.41 14.62
CA ALA A 40 14.25 32.47 15.43
C ALA A 40 13.42 33.74 15.41
N GLU A 41 12.92 34.14 14.23
CA GLU A 41 12.16 35.40 14.15
C GLU A 41 10.74 35.28 14.70
N PHE A 42 10.01 34.20 14.40
CA PHE A 42 8.61 34.02 14.80
C PHE A 42 8.47 32.77 15.67
N GLY A 43 7.27 32.56 16.19
CA GLY A 43 7.00 31.35 16.96
C GLY A 43 6.72 30.15 16.09
N TRP A 44 7.37 30.08 14.92
CA TRP A 44 7.01 29.10 13.91
C TRP A 44 7.69 27.76 14.17
N SER A 45 6.86 26.72 14.28
CA SER A 45 7.27 25.37 14.54
C SER A 45 7.92 24.74 13.31
N ARG A 46 8.62 23.63 13.52
CA ARG A 46 9.15 22.91 12.38
C ARG A 46 8.02 22.46 11.46
N ALA A 47 6.96 21.89 12.03
CA ALA A 47 5.85 21.40 11.22
C ALA A 47 5.17 22.54 10.48
N GLU A 48 5.07 23.71 11.12
CA GLU A 48 4.48 24.89 10.47
C GLU A 48 5.25 25.29 9.22
N ILE A 49 6.59 25.21 9.27
CA ILE A 49 7.44 25.52 8.12
C ILE A 49 7.39 24.39 7.10
N ALA A 50 7.34 23.15 7.57
CA ALA A 50 7.22 22.00 6.68
C ALA A 50 5.89 22.00 5.94
N MET A 51 4.86 22.65 6.50
CA MET A 51 3.62 22.79 5.75
C MET A 51 3.84 23.54 4.45
N ALA A 52 4.73 24.54 4.46
CA ALA A 52 5.05 25.28 3.24
C ALA A 52 5.68 24.37 2.20
N PHE A 53 6.56 23.46 2.64
CA PHE A 53 7.17 22.52 1.71
C PHE A 53 6.15 21.52 1.16
N ALA A 54 5.28 21.00 2.04
CA ALA A 54 4.25 20.05 1.60
C ALA A 54 3.31 20.68 0.59
N ILE A 55 2.92 21.95 0.82
CA ILE A 55 2.13 22.69 -0.15
C ILE A 55 2.91 22.86 -1.45
N CYS A 56 4.21 23.14 -1.34
CA CYS A 56 5.04 23.31 -2.53
C CYS A 56 5.03 22.03 -3.38
N CYS A 57 5.23 20.89 -2.73
CA CYS A 57 5.22 19.61 -3.43
C CYS A 57 3.87 19.35 -4.05
N LEU A 58 2.80 19.68 -3.31
CA LEU A 58 1.47 19.47 -3.84
C LEU A 58 1.27 20.27 -5.14
N ILE A 59 1.46 21.59 -5.07
CA ILE A 59 1.23 22.42 -6.26
C ILE A 59 2.18 22.06 -7.39
N PHE A 60 3.46 21.89 -7.07
CA PHE A 60 4.46 21.57 -8.08
C PHE A 60 4.08 20.30 -8.83
N GLY A 61 3.76 19.23 -8.08
CA GLY A 61 3.39 18.00 -8.72
C GLY A 61 2.11 18.13 -9.52
N LEU A 62 1.12 18.86 -8.99
CA LEU A 62 -0.13 19.01 -9.73
C LEU A 62 0.08 19.79 -11.02
N MET A 63 0.88 20.87 -10.98
CA MET A 63 0.99 21.77 -12.12
C MET A 63 1.79 21.20 -13.28
N THR A 64 2.47 20.06 -13.13
CA THR A 64 3.05 19.40 -14.30
C THR A 64 1.96 19.00 -15.31
N PHE A 65 0.79 18.57 -14.82
CA PHE A 65 -0.28 18.22 -15.76
C PHE A 65 -0.65 19.42 -16.65
N PRO A 66 -1.12 20.56 -16.12
CA PRO A 66 -1.37 21.70 -17.01
C PRO A 66 -0.11 22.13 -17.75
N ALA A 67 1.06 22.04 -17.10
CA ALA A 67 2.30 22.38 -17.78
C ALA A 67 2.55 21.49 -18.98
N GLY A 68 2.30 20.18 -18.84
CA GLY A 68 2.50 19.27 -19.95
C GLY A 68 1.50 19.50 -21.07
N ARG A 69 0.23 19.70 -20.71
CA ARG A 69 -0.75 20.02 -21.73
C ARG A 69 -0.36 21.29 -22.48
N LEU A 70 0.06 22.34 -21.76
CA LEU A 70 0.38 23.59 -22.46
C LEU A 70 1.68 23.48 -23.24
N SER A 71 2.64 22.70 -22.76
CA SER A 71 3.84 22.47 -23.54
C SER A 71 3.51 21.79 -24.85
N ASP A 72 2.63 20.78 -24.79
CA ASP A 72 2.20 20.10 -26.02
C ASP A 72 1.48 21.06 -26.97
N LYS A 73 0.59 21.91 -26.44
CA LYS A 73 -0.25 22.73 -27.30
C LYS A 73 0.53 23.90 -27.91
N MET A 74 1.29 24.63 -27.10
CA MET A 74 1.93 25.87 -27.56
C MET A 74 3.45 25.85 -27.40
N GLY A 75 4.06 24.70 -27.18
CA GLY A 75 5.51 24.59 -27.11
C GLY A 75 6.05 24.75 -25.71
N PRO A 76 7.22 24.15 -25.45
CA PRO A 76 7.77 24.18 -24.07
C PRO A 76 8.45 25.48 -23.69
N ARG A 77 8.85 26.31 -24.66
CA ARG A 77 9.53 27.54 -24.33
C ARG A 77 8.63 28.49 -23.54
N LYS A 78 7.42 28.75 -24.06
CA LYS A 78 6.47 29.61 -23.37
C LYS A 78 6.20 29.12 -21.95
N VAL A 79 6.01 27.80 -21.79
CA VAL A 79 5.69 27.20 -20.49
C VAL A 79 6.86 27.35 -19.51
N VAL A 80 8.08 27.02 -19.94
CA VAL A 80 9.21 27.08 -19.03
C VAL A 80 9.51 28.53 -18.64
N MET A 81 9.39 29.46 -19.58
CA MET A 81 9.70 30.85 -19.25
C MET A 81 8.63 31.45 -18.33
N THR A 82 7.35 31.11 -18.56
CA THR A 82 6.30 31.52 -17.65
C THR A 82 6.52 30.93 -16.27
N GLY A 83 6.92 29.65 -16.21
CA GLY A 83 7.27 29.05 -14.93
C GLY A 83 8.42 29.77 -14.26
N GLY A 84 9.39 30.24 -15.06
CA GLY A 84 10.48 31.02 -14.49
C GLY A 84 9.97 32.30 -13.85
N VAL A 85 9.05 32.98 -14.52
CA VAL A 85 8.46 34.19 -13.97
C VAL A 85 7.73 33.88 -12.66
N LEU A 86 6.86 32.86 -12.67
CA LEU A 86 6.09 32.51 -11.48
C LEU A 86 6.99 32.11 -10.32
N LEU A 87 8.01 31.30 -10.58
CA LEU A 87 8.90 30.90 -9.52
C LEU A 87 9.66 32.09 -8.96
N ALA A 88 10.20 32.93 -9.84
CA ALA A 88 10.92 34.11 -9.37
C ALA A 88 10.02 34.96 -8.49
N ILE A 89 8.79 35.23 -8.95
CA ILE A 89 7.85 36.06 -8.20
C ILE A 89 7.58 35.45 -6.83
N GLY A 90 7.21 34.17 -6.80
CA GLY A 90 6.83 33.56 -5.53
C GLY A 90 7.98 33.49 -4.54
N PHE A 91 9.18 33.15 -5.03
CA PHE A 91 10.34 33.03 -4.14
C PHE A 91 10.73 34.39 -3.56
N ILE A 92 10.78 35.42 -4.43
CA ILE A 92 11.16 36.76 -3.96
C ILE A 92 10.12 37.30 -2.98
N LEU A 93 8.83 37.09 -3.28
CA LEU A 93 7.79 37.53 -2.36
C LEU A 93 7.85 36.76 -1.04
N SER A 94 8.27 35.49 -1.06
CA SER A 94 8.65 34.87 0.20
C SER A 94 9.71 35.69 0.90
N GLY A 95 10.60 36.32 0.11
CA GLY A 95 11.60 37.18 0.71
C GLY A 95 11.02 38.35 1.48
N PHE A 96 9.89 38.89 1.00
CA PHE A 96 9.25 40.03 1.66
C PHE A 96 8.10 39.64 2.59
N ILE A 97 8.10 38.42 3.15
CA ILE A 97 6.94 37.95 3.93
C ILE A 97 7.04 38.41 5.37
N GLN A 98 5.87 38.36 6.05
CA GLN A 98 5.74 38.61 7.49
C GLN A 98 4.87 37.58 8.22
N SER A 99 4.14 36.71 7.51
CA SER A 99 3.22 35.74 8.12
C SER A 99 3.37 34.37 7.47
N LYS A 100 2.76 33.35 8.12
CA LYS A 100 2.79 31.99 7.58
C LYS A 100 1.98 31.86 6.30
N TYR A 101 0.76 32.40 6.27
CA TYR A 101 -0.03 32.27 5.05
C TYR A 101 0.66 32.93 3.87
N GLN A 102 1.36 34.04 4.13
CA GLN A 102 2.16 34.66 3.08
C GLN A 102 3.21 33.68 2.57
N LEU A 103 3.84 32.94 3.48
CA LEU A 103 4.85 31.97 3.06
C LEU A 103 4.23 30.82 2.27
N TYR A 104 3.07 30.33 2.70
CA TYR A 104 2.35 29.30 1.97
C TYR A 104 2.02 29.75 0.56
N ILE A 105 1.54 30.98 0.43
CA ILE A 105 1.17 31.51 -0.87
C ILE A 105 2.39 31.70 -1.76
N THR A 106 3.36 32.47 -1.27
CA THR A 106 4.53 32.81 -2.07
C THR A 106 5.38 31.58 -2.36
N TYR A 107 5.85 30.92 -1.31
CA TYR A 107 6.74 29.78 -1.52
C TYR A 107 5.99 28.55 -1.99
N GLY A 108 4.93 28.17 -1.27
CA GLY A 108 4.20 26.96 -1.62
C GLY A 108 3.48 27.03 -2.95
N VAL A 109 2.63 28.04 -3.14
CA VAL A 109 1.74 28.08 -4.30
C VAL A 109 2.41 28.69 -5.53
N ILE A 110 2.75 29.99 -5.47
CA ILE A 110 3.34 30.67 -6.64
C ILE A 110 4.62 29.97 -7.09
N ALA A 111 5.58 29.85 -6.18
CA ALA A 111 6.87 29.27 -6.53
C ALA A 111 6.73 27.82 -6.98
N GLY A 112 5.91 27.03 -6.28
CA GLY A 112 5.70 25.64 -6.70
C GLY A 112 5.05 25.54 -8.06
N PHE A 113 4.12 26.47 -8.34
CA PHE A 113 3.49 26.57 -9.65
C PHE A 113 4.52 26.76 -10.76
N GLY A 114 5.34 27.82 -10.63
CA GLY A 114 6.43 28.02 -11.57
C GLY A 114 7.36 26.82 -11.64
N GLY A 115 7.55 26.12 -10.52
CA GLY A 115 8.46 24.98 -10.52
C GLY A 115 7.97 23.84 -11.39
N GLY A 116 6.68 23.48 -11.27
CA GLY A 116 6.13 22.45 -12.15
C GLY A 116 6.19 22.84 -13.61
N MET A 117 5.91 24.12 -13.90
CA MET A 117 6.00 24.57 -15.30
C MET A 117 7.43 24.50 -15.83
N ILE A 118 8.42 24.72 -14.96
CA ILE A 118 9.83 24.54 -15.34
C ILE A 118 10.19 23.06 -15.48
N TYR A 119 9.74 22.24 -14.55
CA TYR A 119 10.22 20.87 -14.46
C TYR A 119 9.79 20.03 -15.66
N LEU A 120 8.52 20.16 -16.08
CA LEU A 120 8.05 19.14 -17.02
C LEU A 120 8.46 19.30 -18.49
N PRO A 121 8.37 20.48 -19.09
CA PRO A 121 8.57 20.58 -20.52
C PRO A 121 9.93 20.04 -20.97
N PRO A 122 11.03 20.27 -20.24
CA PRO A 122 12.31 19.66 -20.68
C PRO A 122 12.31 18.14 -20.63
N ILE A 123 11.70 17.54 -19.60
CA ILE A 123 11.57 16.10 -19.53
C ILE A 123 10.88 15.57 -20.79
N ALA A 124 9.90 16.33 -21.31
CA ALA A 124 9.23 15.88 -22.52
C ALA A 124 10.02 16.19 -23.79
N THR A 125 10.88 17.21 -23.76
CA THR A 125 11.58 17.62 -24.99
C THR A 125 12.89 16.88 -25.22
N ALA A 126 13.70 16.68 -24.17
CA ALA A 126 15.04 16.10 -24.32
C ALA A 126 15.06 14.75 -25.05
N PRO A 127 14.23 13.76 -24.70
CA PRO A 127 14.29 12.48 -25.44
C PRO A 127 14.00 12.61 -26.92
N LYS A 128 13.20 13.61 -27.33
CA LYS A 128 12.96 13.82 -28.74
C LYS A 128 14.23 14.10 -29.51
N TRP A 129 15.28 14.61 -28.85
CA TRP A 129 16.52 14.82 -29.58
C TRP A 129 17.41 13.61 -29.51
N TRP A 130 17.01 12.63 -28.70
CA TRP A 130 17.79 11.42 -28.42
C TRP A 130 16.87 10.20 -28.52
N PRO A 131 16.36 9.91 -29.73
CA PRO A 131 15.59 8.66 -29.88
C PRO A 131 16.45 7.43 -29.74
N ASP A 132 17.77 7.55 -29.92
CA ASP A 132 18.69 6.46 -29.62
C ASP A 132 19.02 6.34 -28.15
N ARG A 133 18.82 7.40 -27.35
CA ARG A 133 19.12 7.36 -25.91
C ARG A 133 18.06 8.10 -25.09
N ARG A 134 16.81 7.62 -25.13
CA ARG A 134 15.68 8.34 -24.51
C ARG A 134 15.82 8.44 -23.01
N ALA A 135 16.19 7.34 -22.36
CA ALA A 135 16.22 7.37 -20.88
C ALA A 135 17.39 8.21 -20.37
N LEU A 136 18.55 8.14 -21.02
CA LEU A 136 19.66 9.03 -20.63
C LEU A 136 19.27 10.49 -20.83
N ALA A 137 18.61 10.82 -21.95
CA ALA A 137 18.16 12.19 -22.18
C ALA A 137 17.21 12.65 -21.09
N THR A 138 16.21 11.83 -20.78
CA THR A 138 15.31 12.10 -19.66
C THR A 138 16.09 12.35 -18.37
N GLY A 139 17.07 11.49 -18.09
CA GLY A 139 17.81 11.62 -16.85
C GLY A 139 18.52 12.94 -16.77
N PHE A 140 19.04 13.43 -17.90
CA PHE A 140 19.61 14.77 -17.87
C PHE A 140 18.53 15.80 -17.55
N ALA A 141 17.32 15.57 -18.04
CA ALA A 141 16.24 16.49 -17.65
C ALA A 141 15.88 16.39 -16.16
N VAL A 142 16.28 15.36 -15.44
CA VAL A 142 15.90 15.28 -14.03
C VAL A 142 17.06 15.31 -13.05
N VAL A 143 18.32 15.27 -13.50
CA VAL A 143 19.41 15.12 -12.53
C VAL A 143 19.55 16.37 -11.68
N GLY A 144 19.11 17.52 -12.21
CA GLY A 144 19.21 18.77 -11.45
C GLY A 144 18.48 18.73 -10.13
N LEU A 145 17.42 17.92 -10.02
CA LEU A 145 16.83 17.78 -8.70
C LEU A 145 17.74 17.19 -7.64
N GLY A 146 18.75 16.40 -8.04
CA GLY A 146 19.72 15.89 -7.09
C GLY A 146 20.89 16.81 -6.82
N LEU A 147 21.01 17.89 -7.58
CA LEU A 147 22.15 18.80 -7.45
C LEU A 147 21.78 20.10 -6.74
N GLY A 148 20.50 20.42 -6.62
CA GLY A 148 20.10 21.67 -6.00
C GLY A 148 20.56 21.79 -4.57
N SER A 149 20.58 20.67 -3.85
CA SER A 149 21.15 20.64 -2.51
C SER A 149 22.61 21.09 -2.54
N PHE A 150 23.44 20.38 -3.33
CA PHE A 150 24.87 20.67 -3.36
C PHE A 150 25.18 22.10 -3.79
N LEU A 151 24.32 22.70 -4.61
CA LEU A 151 24.56 24.09 -5.04
C LEU A 151 24.02 25.09 -4.03
N MET A 152 22.83 24.85 -3.49
CA MET A 152 22.20 25.86 -2.65
C MET A 152 22.69 25.84 -1.22
N GLY A 153 22.90 24.65 -0.65
CA GLY A 153 23.30 24.54 0.74
C GLY A 153 24.39 25.53 1.13
N PRO A 154 25.55 25.46 0.48
CA PRO A 154 26.59 26.43 0.81
C PRO A 154 26.18 27.86 0.54
N LEU A 155 25.45 28.08 -0.55
CA LEU A 155 25.03 29.43 -0.91
C LEU A 155 24.07 30.01 0.11
N ALA A 156 23.05 29.25 0.47
CA ALA A 156 22.08 29.75 1.43
C ALA A 156 22.69 29.96 2.81
N THR A 157 23.59 29.05 3.24
CA THR A 157 24.26 29.28 4.52
C THR A 157 25.10 30.54 4.46
N TYR A 158 25.77 30.75 3.32
CA TYR A 158 26.62 31.91 3.11
C TYR A 158 25.80 33.18 3.33
N ILE A 159 24.63 33.27 2.68
CA ILE A 159 23.81 34.48 2.78
C ILE A 159 23.23 34.64 4.19
N ILE A 160 22.74 33.55 4.80
CA ILE A 160 22.07 33.67 6.10
C ILE A 160 23.02 34.18 7.16
N GLU A 161 24.24 33.65 7.22
CA GLU A 161 25.13 34.04 8.31
C GLU A 161 25.80 35.39 8.10
N LYS A 162 25.83 35.91 6.87
CA LYS A 162 26.51 37.16 6.60
C LYS A 162 25.75 38.34 7.22
N PRO A 163 26.47 39.34 7.77
CA PRO A 163 25.82 40.33 8.65
C PRO A 163 24.89 41.32 7.95
N GLY A 164 25.34 41.91 6.84
CA GLY A 164 24.49 42.82 6.09
C GLY A 164 23.26 42.15 5.50
N MET A 165 23.23 40.82 5.51
CA MET A 165 22.19 40.01 4.92
C MET A 165 21.27 39.41 5.97
N GLY A 166 20.54 38.37 5.57
CA GLY A 166 19.69 37.57 6.41
C GLY A 166 19.06 36.49 5.57
N TRP A 167 18.11 35.76 6.14
CA TRP A 167 17.44 34.72 5.36
C TRP A 167 16.54 35.33 4.29
N ARG A 168 15.92 36.48 4.59
CA ARG A 168 15.12 37.17 3.58
C ARG A 168 15.97 37.47 2.37
N TYR A 169 17.24 37.79 2.61
CA TYR A 169 18.19 38.04 1.54
C TYR A 169 18.45 36.78 0.71
N VAL A 170 18.42 35.60 1.35
CA VAL A 170 18.47 34.34 0.60
C VAL A 170 17.30 34.26 -0.37
N PHE A 171 16.09 34.52 0.13
CA PHE A 171 14.92 34.44 -0.76
C PHE A 171 15.05 35.40 -1.93
N TRP A 172 15.47 36.65 -1.66
CA TRP A 172 15.52 37.67 -2.71
C TRP A 172 16.57 37.35 -3.78
N TYR A 173 17.82 37.11 -3.35
CA TYR A 173 18.89 36.90 -4.31
C TYR A 173 18.73 35.55 -5.01
N CYS A 174 18.52 34.50 -4.23
CA CYS A 174 18.36 33.18 -4.81
C CYS A 174 17.18 33.14 -5.76
N GLY A 175 16.18 34.03 -5.57
CA GLY A 175 15.05 34.01 -6.47
C GLY A 175 15.34 34.72 -7.76
N VAL A 176 16.12 35.81 -7.71
CA VAL A 176 16.64 36.38 -8.96
C VAL A 176 17.47 35.36 -9.73
N ALA A 177 18.37 34.66 -9.02
CA ALA A 177 19.28 33.73 -9.67
C ALA A 177 18.52 32.56 -10.30
N MET A 178 17.52 32.05 -9.60
CA MET A 178 16.74 30.93 -10.13
C MET A 178 15.88 31.39 -11.30
N GLY A 179 15.31 32.60 -11.22
CA GLY A 179 14.59 33.14 -12.36
C GLY A 179 15.46 33.23 -13.61
N ILE A 180 16.71 33.68 -13.44
CA ILE A 180 17.60 33.81 -14.60
C ILE A 180 17.94 32.43 -15.18
N MET A 181 18.29 31.48 -14.33
CA MET A 181 18.61 30.15 -14.83
C MET A 181 17.43 29.54 -15.58
N ALA A 182 16.21 29.69 -15.05
CA ALA A 182 15.02 29.11 -15.68
C ALA A 182 14.66 29.81 -16.98
N LEU A 183 14.87 31.12 -17.04
CA LEU A 183 14.64 31.82 -18.29
C LEU A 183 15.68 31.46 -19.34
N ILE A 184 16.93 31.22 -18.93
CA ILE A 184 17.93 30.81 -19.91
C ILE A 184 17.65 29.39 -20.41
N ALA A 185 17.21 28.51 -19.51
CA ALA A 185 16.82 27.16 -19.90
C ALA A 185 15.65 27.18 -20.87
N GLY A 186 14.60 27.97 -20.57
CA GLY A 186 13.43 28.01 -21.43
C GLY A 186 13.60 28.80 -22.70
N ALA A 187 14.57 29.73 -22.75
CA ALA A 187 14.76 30.55 -23.94
C ALA A 187 15.18 29.71 -25.13
N PHE A 188 16.05 28.72 -24.91
CA PHE A 188 16.60 27.90 -25.98
C PHE A 188 15.94 26.54 -26.13
N LEU A 189 14.78 26.33 -25.52
CA LEU A 189 14.16 25.01 -25.53
C LEU A 189 13.05 24.96 -26.57
N GLU A 190 13.13 23.97 -27.44
CA GLU A 190 12.13 23.67 -28.45
C GLU A 190 12.41 22.27 -28.97
N PRO A 191 11.38 21.55 -29.44
CA PRO A 191 11.61 20.22 -30.02
C PRO A 191 12.41 20.35 -31.30
N PRO A 192 12.82 19.24 -31.93
CA PRO A 192 13.40 19.34 -33.27
C PRO A 192 12.30 19.60 -34.29
N PRO A 193 12.65 20.10 -35.47
CA PRO A 193 11.61 20.51 -36.43
C PRO A 193 10.76 19.34 -36.89
N ALA A 194 9.55 19.68 -37.36
CA ALA A 194 8.44 18.74 -37.52
C ALA A 194 8.80 17.48 -38.31
N GLY A 195 9.80 17.55 -39.19
CA GLY A 195 10.06 16.45 -40.10
C GLY A 195 11.30 15.61 -39.85
N TRP A 196 12.47 16.16 -40.18
CA TRP A 196 13.68 15.36 -40.14
C TRP A 196 14.20 15.21 -38.71
N LYS A 197 14.62 14.06 -38.43
CA LYS A 197 14.96 13.66 -37.10
C LYS A 197 16.46 13.49 -36.98
N PRO A 198 17.09 14.19 -36.01
CA PRO A 198 18.57 14.15 -35.89
C PRO A 198 19.09 12.74 -35.71
N ALA A 199 19.73 12.23 -36.77
CA ALA A 199 20.12 10.82 -36.75
C ALA A 199 21.21 10.59 -37.79
N GLY A 200 22.21 9.80 -37.39
CA GLY A 200 23.15 9.26 -38.35
C GLY A 200 22.64 7.91 -38.86
N TYR A 201 21.89 7.20 -38.02
CA TYR A 201 21.22 5.96 -38.38
C TYR A 201 19.79 6.03 -37.85
N THR A 202 18.98 5.02 -38.15
CA THR A 202 17.57 5.05 -37.69
C THR A 202 17.07 3.75 -37.09
N PRO A 213 1.85 -2.22 -46.48
CA PRO A 213 2.57 -1.18 -45.73
C PRO A 213 1.89 -0.91 -44.40
N LYS A 214 2.44 -1.45 -43.32
CA LYS A 214 1.92 -1.22 -41.98
C LYS A 214 2.50 0.11 -41.47
N VAL A 215 1.70 0.89 -40.72
CA VAL A 215 2.11 2.22 -40.28
C VAL A 215 1.63 2.45 -38.85
N THR A 216 2.54 2.38 -37.89
CA THR A 216 2.17 2.62 -36.50
C THR A 216 2.23 4.12 -36.20
N ARG A 217 1.85 4.47 -34.97
CA ARG A 217 1.88 5.86 -34.51
C ARG A 217 1.85 5.89 -33.00
N ASP A 218 2.37 6.99 -32.45
CA ASP A 218 2.37 7.18 -31.02
C ASP A 218 0.94 7.33 -30.51
N TRP A 219 0.76 7.15 -29.20
CA TRP A 219 -0.55 7.33 -28.62
C TRP A 219 -0.84 8.82 -28.41
N THR A 220 -2.13 9.14 -28.37
CA THR A 220 -2.61 10.47 -28.04
C THR A 220 -2.90 10.56 -26.54
N TYR A 221 -2.98 11.80 -26.03
CA TYR A 221 -3.23 11.97 -24.59
C TYR A 221 -4.54 11.33 -24.16
N GLU A 222 -5.61 11.54 -24.93
CA GLU A 222 -6.89 10.91 -24.61
C GLU A 222 -6.80 9.38 -24.66
N GLU A 223 -5.97 8.85 -25.57
CA GLU A 223 -5.81 7.39 -25.70
C GLU A 223 -5.02 6.83 -24.53
N ALA A 224 -3.92 7.49 -24.14
CA ALA A 224 -3.12 6.98 -23.04
C ALA A 224 -3.83 7.16 -21.70
N LYS A 225 -4.45 8.32 -21.50
CA LYS A 225 -5.23 8.61 -20.30
C LYS A 225 -6.35 7.58 -20.06
N GLY A 226 -6.80 6.91 -21.11
CA GLY A 226 -7.81 5.86 -21.03
C GLY A 226 -7.26 4.43 -20.98
N ASP A 227 -5.94 4.25 -20.96
CA ASP A 227 -5.33 2.92 -20.91
C ASP A 227 -5.28 2.45 -19.46
N THR A 228 -5.54 1.15 -19.24
CA THR A 228 -5.42 0.63 -17.88
C THR A 228 -3.96 0.62 -17.44
N LYS A 229 -3.04 0.38 -18.37
CA LYS A 229 -1.62 0.36 -18.02
C LYS A 229 -1.12 1.74 -17.56
N PHE A 230 -1.68 2.82 -18.09
CA PHE A 230 -1.27 4.14 -17.61
C PHE A 230 -1.55 4.27 -16.14
N TRP A 231 -2.72 3.80 -15.70
CA TRP A 231 -3.07 3.95 -14.29
C TRP A 231 -2.38 2.90 -13.43
N LEU A 232 -2.05 1.72 -13.97
CA LEU A 232 -1.16 0.84 -13.20
C LEU A 232 0.15 1.55 -12.91
N LEU A 233 0.71 2.24 -13.90
CA LEU A 233 1.96 2.99 -13.67
C LEU A 233 1.76 4.11 -12.66
N TYR A 234 0.62 4.80 -12.76
CA TYR A 234 0.28 5.84 -11.81
C TYR A 234 0.27 5.29 -10.39
N LEU A 235 -0.33 4.12 -10.22
CA LEU A 235 -0.35 3.48 -8.91
C LEU A 235 1.05 3.12 -8.45
N ALA A 236 1.86 2.59 -9.36
CA ALA A 236 3.23 2.25 -8.97
C ALA A 236 3.98 3.51 -8.56
N TYR A 237 3.82 4.58 -9.32
CA TYR A 237 4.50 5.84 -9.04
C TYR A 237 4.11 6.37 -7.69
N PHE A 238 2.80 6.36 -7.40
CA PHE A 238 2.33 6.82 -6.10
C PHE A 238 2.91 5.95 -4.99
N CYS A 239 2.93 4.64 -5.19
CA CYS A 239 3.48 3.77 -4.14
C CYS A 239 4.97 4.05 -3.91
N GLY A 240 5.77 4.06 -4.98
CA GLY A 240 7.21 4.21 -4.75
C GLY A 240 7.52 5.57 -4.17
N SER A 241 6.89 6.61 -4.74
CA SER A 241 7.06 7.96 -4.27
C SER A 241 6.68 8.10 -2.79
N PHE A 242 5.52 7.55 -2.43
CA PHE A 242 5.02 7.65 -1.07
C PHE A 242 5.94 6.94 -0.09
N ALA A 243 6.41 5.74 -0.45
CA ALA A 243 7.31 4.99 0.42
C ALA A 243 8.59 5.79 0.71
N GLY A 244 9.26 6.27 -0.35
CA GLY A 244 10.48 7.04 -0.12
C GLY A 244 10.21 8.26 0.73
N LEU A 245 9.17 9.04 0.38
CA LEU A 245 8.96 10.28 1.10
C LEU A 245 8.49 10.04 2.53
N MET A 246 7.96 8.85 2.80
CA MET A 246 7.55 8.49 4.15
C MET A 246 8.73 8.15 5.06
N VAL A 247 9.83 7.57 4.53
CA VAL A 247 10.90 7.13 5.43
C VAL A 247 12.19 7.97 5.34
N ILE A 248 12.47 8.61 4.20
CA ILE A 248 13.79 9.24 4.05
C ILE A 248 14.03 10.22 5.20
N GLY A 249 13.02 10.99 5.57
CA GLY A 249 13.22 11.88 6.71
C GLY A 249 13.42 11.16 8.03
N HIS A 250 13.29 9.83 8.07
CA HIS A 250 13.47 9.10 9.32
C HIS A 250 14.80 8.39 9.42
N LEU A 251 15.52 8.28 8.31
CA LEU A 251 16.81 7.56 8.36
C LEU A 251 17.71 8.02 9.51
N ALA A 252 18.01 9.31 9.60
CA ALA A 252 18.98 9.70 10.61
C ALA A 252 18.44 9.46 12.00
N GLY A 253 17.13 9.68 12.20
CA GLY A 253 16.53 9.42 13.51
C GLY A 253 16.62 7.95 13.90
N PHE A 254 16.45 7.06 12.92
CA PHE A 254 16.62 5.65 13.18
C PHE A 254 18.03 5.41 13.68
N GLY A 255 19.01 6.02 13.01
CA GLY A 255 20.39 5.90 13.47
C GLY A 255 20.57 6.35 14.92
N ARG A 256 20.10 7.56 15.25
CA ARG A 256 20.34 8.04 16.62
C ARG A 256 19.61 7.13 17.61
N ASP A 257 18.42 6.64 17.27
CA ASP A 257 17.78 5.69 18.16
C ASP A 257 18.60 4.42 18.32
N ALA A 258 19.39 4.05 17.32
CA ALA A 258 20.17 2.82 17.43
C ALA A 258 21.40 3.00 18.27
N GLY A 259 21.70 4.25 18.65
CA GLY A 259 22.83 4.53 19.52
C GLY A 259 23.89 5.41 18.88
N LEU A 260 23.77 5.78 17.61
CA LEU A 260 24.76 6.64 16.97
C LEU A 260 24.63 8.09 17.41
N THR A 261 25.76 8.79 17.39
CA THR A 261 25.74 10.22 17.60
C THR A 261 25.03 10.91 16.43
N ALA A 262 24.49 12.10 16.69
CA ALA A 262 23.83 12.89 15.64
C ALA A 262 24.77 13.17 14.48
N MET A 263 26.02 13.55 14.77
CA MET A 263 27.01 13.77 13.73
C MET A 263 27.20 12.53 12.88
N ALA A 264 27.31 11.36 13.53
CA ALA A 264 27.54 10.11 12.80
C ALA A 264 26.34 9.73 11.98
N ALA A 265 25.14 9.75 12.58
CA ALA A 265 23.96 9.39 11.79
C ALA A 265 23.79 10.34 10.62
N ALA A 266 24.11 11.62 10.83
CA ALA A 266 23.94 12.58 9.73
C ALA A 266 24.92 12.29 8.60
N GLY A 267 26.21 12.04 8.93
CA GLY A 267 27.18 11.65 7.91
C GLY A 267 26.71 10.44 7.12
N ALA A 268 26.27 9.40 7.82
CA ALA A 268 25.80 8.21 7.13
C ALA A 268 24.67 8.53 6.19
N VAL A 269 23.61 9.17 6.67
CA VAL A 269 22.47 9.41 5.78
C VAL A 269 22.82 10.32 4.59
N SER A 270 23.84 11.16 4.72
CA SER A 270 24.14 12.10 3.62
C SER A 270 24.55 11.40 2.32
N SER A 271 24.97 10.14 2.34
CA SER A 271 25.31 9.52 1.06
C SER A 271 24.08 9.34 0.17
N LEU A 272 22.88 9.54 0.73
CA LEU A 272 21.67 9.43 -0.08
C LEU A 272 21.63 10.45 -1.21
N ALA A 273 22.16 11.66 -0.96
CA ALA A 273 22.14 12.70 -2.00
C ALA A 273 22.97 12.27 -3.20
N PHE A 274 24.13 11.68 -2.97
CA PHE A 274 24.98 11.22 -4.07
C PHE A 274 24.29 10.13 -4.88
N SER A 275 23.75 9.11 -4.21
CA SER A 275 23.16 8.06 -5.04
C SER A 275 21.89 8.59 -5.72
N ASN A 276 21.16 9.49 -5.03
CA ASN A 276 19.94 10.07 -5.59
C ASN A 276 20.24 10.83 -6.86
N ALA A 277 21.37 11.51 -6.90
CA ALA A 277 21.80 12.20 -8.13
C ALA A 277 22.28 11.22 -9.18
N ALA A 278 23.22 10.35 -8.81
CA ALA A 278 23.89 9.50 -9.81
C ALA A 278 22.90 8.57 -10.50
N THR A 279 21.95 8.01 -9.76
CA THR A 279 21.02 7.06 -10.35
C THR A 279 20.23 7.65 -11.51
N ARG A 280 19.99 8.98 -11.50
CA ARG A 280 19.16 9.58 -12.54
C ARG A 280 19.81 9.48 -13.90
N ILE A 281 21.13 9.57 -13.93
CA ILE A 281 21.87 9.44 -15.18
C ILE A 281 22.20 7.98 -15.47
N LEU A 282 22.71 7.29 -14.45
CA LEU A 282 23.24 5.96 -14.68
C LEU A 282 22.12 4.98 -15.01
N SER A 283 20.98 5.05 -14.30
CA SER A 283 19.85 4.17 -14.59
C SER A 283 19.31 4.40 -16.01
N GLY A 284 19.28 5.67 -16.45
CA GLY A 284 18.87 5.94 -17.82
C GLY A 284 19.79 5.28 -18.83
N TRP A 285 21.10 5.45 -18.64
CA TRP A 285 22.03 4.81 -19.57
C TRP A 285 21.88 3.28 -19.55
N PHE A 286 21.72 2.70 -18.35
CA PHE A 286 21.58 1.26 -18.22
C PHE A 286 20.39 0.77 -19.03
N VAL A 287 19.20 1.33 -18.77
CA VAL A 287 18.01 0.82 -19.44
C VAL A 287 18.01 1.17 -20.92
N ASP A 288 18.69 2.25 -21.33
CA ASP A 288 18.84 2.48 -22.76
C ASP A 288 19.55 1.29 -23.38
N LYS A 289 20.52 0.70 -22.66
CA LYS A 289 21.21 -0.46 -23.24
C LYS A 289 20.42 -1.79 -23.09
N ILE A 290 19.80 -2.09 -21.95
CA ILE A 290 19.29 -3.45 -21.69
C ILE A 290 17.77 -3.53 -21.54
N GLY A 291 17.03 -2.44 -21.68
CA GLY A 291 15.59 -2.46 -21.46
C GLY A 291 15.23 -1.99 -20.05
N ILE A 292 13.96 -1.65 -19.84
CA ILE A 292 13.50 -0.96 -18.64
C ILE A 292 12.92 -1.91 -17.61
N ARG A 293 11.98 -2.79 -18.03
CA ARG A 293 11.05 -3.39 -17.07
C ARG A 293 11.78 -4.18 -15.98
N VAL A 294 12.74 -5.03 -16.35
CA VAL A 294 13.31 -5.94 -15.36
C VAL A 294 14.18 -5.18 -14.36
N TYR A 295 15.07 -4.32 -14.85
CA TYR A 295 15.86 -3.47 -13.96
C TYR A 295 14.95 -2.59 -13.11
N PHE A 296 13.91 -2.03 -13.71
CA PHE A 296 12.99 -1.19 -12.94
C PHE A 296 12.38 -1.99 -11.79
N ALA A 297 11.82 -3.16 -12.11
CA ALA A 297 11.24 -4.03 -11.07
C ALA A 297 12.26 -4.41 -10.03
N ALA A 298 13.51 -4.67 -10.46
CA ALA A 298 14.54 -5.02 -9.49
C ALA A 298 14.78 -3.86 -8.53
N LEU A 299 14.80 -2.62 -9.05
CA LEU A 299 14.96 -1.48 -8.15
C LEU A 299 13.84 -1.41 -7.10
N PHE A 300 12.59 -1.55 -7.52
CA PHE A 300 11.50 -1.56 -6.53
C PHE A 300 11.67 -2.69 -5.53
N ALA A 301 12.06 -3.88 -6.00
CA ALA A 301 12.20 -4.99 -5.06
C ALA A 301 13.31 -4.67 -4.06
N LEU A 302 14.43 -4.15 -4.54
CA LEU A 302 15.50 -3.77 -3.62
C LEU A 302 15.03 -2.72 -2.61
N GLN A 303 14.17 -1.80 -3.06
CA GLN A 303 13.65 -0.79 -2.16
C GLN A 303 12.80 -1.43 -1.08
N THR A 304 12.03 -2.46 -1.46
CA THR A 304 11.28 -3.25 -0.48
C THR A 304 12.24 -3.89 0.54
N ALA A 305 13.27 -4.53 0.02
CA ALA A 305 14.24 -5.18 0.89
C ALA A 305 14.91 -4.17 1.80
N ALA A 306 15.20 -2.96 1.33
CA ALA A 306 15.89 -1.98 2.19
C ALA A 306 15.00 -1.52 3.32
N MET A 307 13.70 -1.29 3.03
CA MET A 307 12.79 -0.93 4.11
C MET A 307 12.80 -2.00 5.19
N ILE A 308 12.94 -3.27 4.80
CA ILE A 308 13.04 -4.30 5.84
C ILE A 308 14.44 -4.31 6.49
N ALA A 309 15.47 -4.20 5.66
CA ALA A 309 16.85 -4.41 6.04
C ALA A 309 17.34 -3.36 7.01
N ILE A 310 16.73 -2.17 7.04
CA ILE A 310 17.25 -1.18 7.98
C ILE A 310 17.18 -1.68 9.42
N PHE A 311 16.22 -2.54 9.76
CA PHE A 311 16.18 -3.01 11.16
C PHE A 311 17.36 -3.90 11.49
N GLN A 312 18.05 -4.42 10.49
CA GLN A 312 19.26 -5.16 10.78
C GLN A 312 20.54 -4.37 10.51
N LEU A 313 20.55 -3.46 9.54
CA LEU A 313 21.76 -2.71 9.18
C LEU A 313 21.83 -1.29 9.73
N GLY A 314 20.72 -0.69 10.13
CA GLY A 314 20.69 0.73 10.42
C GLY A 314 21.39 1.17 11.70
N GLY A 315 21.95 0.28 12.48
CA GLY A 315 22.55 0.63 13.77
C GLY A 315 24.03 0.95 13.74
N SER A 316 24.63 1.11 12.56
CA SER A 316 26.04 1.43 12.43
C SER A 316 26.18 2.37 11.25
N VAL A 317 27.24 3.18 11.26
CA VAL A 317 27.50 4.10 10.15
C VAL A 317 27.55 3.35 8.82
N VAL A 318 28.24 2.20 8.79
CA VAL A 318 28.39 1.46 7.52
C VAL A 318 27.05 0.92 7.06
N GLY A 319 26.31 0.28 7.96
CA GLY A 319 25.00 -0.23 7.55
C GLY A 319 24.03 0.88 7.19
N LEU A 320 23.96 1.91 8.03
CA LEU A 320 23.02 2.99 7.70
C LEU A 320 23.39 3.65 6.38
N SER A 321 24.69 3.82 6.10
CA SER A 321 25.10 4.37 4.79
C SER A 321 24.60 3.49 3.66
N ILE A 322 24.79 2.17 3.79
CA ILE A 322 24.36 1.27 2.71
C ILE A 322 22.86 1.44 2.47
N VAL A 323 22.08 1.40 3.53
CA VAL A 323 20.63 1.58 3.38
C VAL A 323 20.31 2.92 2.74
N ALA A 324 20.96 3.99 3.20
CA ALA A 324 20.67 5.31 2.64
C ALA A 324 21.01 5.36 1.16
N ILE A 325 22.19 4.86 0.79
CA ILE A 325 22.61 4.88 -0.60
C ILE A 325 21.64 4.10 -1.47
N VAL A 326 21.22 2.92 -0.99
CA VAL A 326 20.31 2.08 -1.76
C VAL A 326 18.95 2.77 -1.92
N ILE A 327 18.40 3.29 -0.82
CA ILE A 327 17.12 3.99 -0.88
C ILE A 327 17.22 5.15 -1.86
N GLY A 328 18.30 5.91 -1.78
CA GLY A 328 18.52 7.00 -2.74
C GLY A 328 18.61 6.51 -4.18
N TRP A 329 19.26 5.36 -4.41
CA TRP A 329 19.41 4.87 -5.78
C TRP A 329 18.04 4.54 -6.38
N ASN A 330 17.23 3.77 -5.64
CA ASN A 330 15.90 3.34 -6.11
C ASN A 330 14.91 4.51 -6.25
N TYR A 331 14.89 5.38 -5.23
CA TYR A 331 14.01 6.55 -5.25
C TYR A 331 14.32 7.45 -6.44
N GLY A 332 15.58 7.90 -6.54
CA GLY A 332 15.91 8.78 -7.65
C GLY A 332 15.67 8.13 -9.01
N ALA A 333 15.85 6.81 -9.10
CA ALA A 333 15.67 6.16 -10.40
C ALA A 333 14.24 6.28 -10.87
N MET A 334 13.28 6.31 -9.92
CA MET A 334 11.88 6.42 -10.36
C MET A 334 11.67 7.60 -11.32
N PHE A 335 12.32 8.74 -11.03
CA PHE A 335 12.06 9.93 -11.83
C PHE A 335 12.69 9.92 -13.20
N THR A 336 13.50 8.91 -13.52
CA THR A 336 13.91 8.73 -14.91
C THR A 336 13.13 7.62 -15.57
N LEU A 337 12.84 6.56 -14.79
CA LEU A 337 12.31 5.33 -15.37
C LEU A 337 10.80 5.41 -15.60
N PHE A 338 10.03 6.12 -14.74
CA PHE A 338 8.62 6.30 -15.09
C PHE A 338 8.47 7.13 -16.38
N PRO A 339 9.14 8.27 -16.56
CA PRO A 339 9.05 8.94 -17.89
C PRO A 339 9.56 8.09 -19.03
N ALA A 340 10.62 7.29 -18.84
CA ALA A 340 11.11 6.43 -19.94
C ALA A 340 10.09 5.35 -20.27
N THR A 341 9.48 4.76 -19.24
CA THR A 341 8.46 3.75 -19.48
C THR A 341 7.27 4.35 -20.22
N CYS A 342 6.81 5.50 -19.76
CA CYS A 342 5.69 6.17 -20.42
C CYS A 342 6.04 6.46 -21.89
N LEU A 343 7.28 6.86 -22.14
CA LEU A 343 7.78 7.08 -23.50
C LEU A 343 7.76 5.80 -24.36
N GLN A 344 8.12 4.66 -23.76
CA GLN A 344 8.08 3.39 -24.48
C GLN A 344 6.65 2.95 -24.76
N PHE A 345 5.74 3.12 -23.80
CA PHE A 345 4.35 2.68 -23.99
C PHE A 345 3.64 3.52 -25.04
N TYR A 346 3.81 4.85 -24.96
CA TYR A 346 2.96 5.74 -25.75
C TYR A 346 3.69 6.61 -26.78
N GLY A 347 5.01 6.67 -26.74
CA GLY A 347 5.74 7.46 -27.72
C GLY A 347 5.92 8.89 -27.28
N PRO A 348 6.82 9.63 -27.96
CA PRO A 348 7.17 10.97 -27.51
C PRO A 348 6.18 12.06 -27.91
N THR A 349 5.31 11.81 -28.90
CA THR A 349 4.52 12.91 -29.42
C THR A 349 3.63 13.53 -28.34
N ALA A 350 2.95 12.72 -27.54
CA ALA A 350 2.12 13.26 -26.45
C ALA A 350 2.78 13.14 -25.07
N GLN A 351 4.10 13.00 -25.03
CA GLN A 351 4.79 12.76 -23.76
C GLN A 351 4.58 13.89 -22.77
N GLY A 352 4.44 15.12 -23.24
CA GLY A 352 4.14 16.25 -22.37
C GLY A 352 2.89 15.99 -21.56
N SER A 353 1.79 15.71 -22.25
CA SER A 353 0.50 15.46 -21.59
C SER A 353 0.50 14.15 -20.81
N ASN A 354 0.94 13.05 -21.44
CA ASN A 354 0.96 11.75 -20.76
C ASN A 354 1.74 11.83 -19.46
N TYR A 355 2.99 12.29 -19.54
CA TYR A 355 3.78 12.28 -18.32
C TYR A 355 3.41 13.43 -17.38
N GLY A 356 2.87 14.55 -17.87
CA GLY A 356 2.38 15.56 -16.94
C GLY A 356 1.29 15.03 -16.04
N LEU A 357 0.28 14.40 -16.64
CA LEU A 357 -0.74 13.71 -15.85
C LEU A 357 -0.11 12.69 -14.90
N LEU A 358 0.78 11.84 -15.43
CA LEU A 358 1.32 10.79 -14.58
C LEU A 358 2.04 11.35 -13.35
N PHE A 359 2.68 12.52 -13.46
CA PHE A 359 3.46 13.01 -12.34
C PHE A 359 2.60 13.60 -11.20
N THR A 360 1.33 13.91 -11.49
CA THR A 360 0.44 14.32 -10.41
C THR A 360 0.44 13.30 -9.26
N ALA A 361 0.72 12.03 -9.57
CA ALA A 361 0.87 11.05 -8.51
C ALA A 361 1.91 11.50 -7.49
N CYS A 362 3.03 12.04 -7.99
CA CYS A 362 4.07 12.58 -7.11
C CYS A 362 3.60 13.83 -6.39
N GLY A 363 2.77 14.63 -7.01
CA GLY A 363 2.25 15.78 -6.27
C GLY A 363 1.55 15.33 -4.99
N LEU A 364 0.70 14.30 -5.13
CA LEU A 364 -0.04 13.77 -3.98
C LEU A 364 0.88 13.08 -2.98
N ALA A 365 1.81 12.24 -3.46
CA ALA A 365 2.75 11.61 -2.54
C ALA A 365 3.56 12.66 -1.81
N GLY A 366 3.97 13.73 -2.50
CA GLY A 366 4.74 14.77 -1.83
C GLY A 366 3.96 15.43 -0.73
N PHE A 367 2.68 15.66 -0.98
CA PHE A 367 1.87 16.30 0.05
C PHE A 367 1.70 15.40 1.28
N ALA A 368 1.45 14.11 1.08
CA ALA A 368 1.01 13.31 2.22
C ALA A 368 2.05 12.38 2.79
N GLY A 369 3.00 11.90 1.99
CA GLY A 369 3.95 10.90 2.44
C GLY A 369 4.66 11.29 3.73
N PRO A 370 5.38 12.43 3.73
CA PRO A 370 6.15 12.76 4.94
C PRO A 370 5.26 12.87 6.16
N TRP A 371 4.11 13.52 6.04
CA TRP A 371 3.24 13.65 7.19
C TRP A 371 2.83 12.29 7.71
N VAL A 372 2.42 11.39 6.80
CA VAL A 372 1.91 10.10 7.26
C VAL A 372 3.01 9.30 7.94
N GLY A 373 4.23 9.30 7.40
CA GLY A 373 5.35 8.66 8.09
C GLY A 373 5.57 9.22 9.49
N GLY A 374 5.52 10.54 9.63
CA GLY A 374 5.67 11.12 10.96
C GLY A 374 4.57 10.68 11.90
N TRP A 375 3.34 10.65 11.40
CA TRP A 375 2.20 10.27 12.23
C TRP A 375 2.32 8.82 12.69
N LEU A 376 2.75 7.93 11.78
CA LEU A 376 2.89 6.51 12.13
C LEU A 376 3.96 6.31 13.18
N LYS A 377 5.11 6.98 13.01
CA LYS A 377 6.11 6.86 14.05
C LYS A 377 5.58 7.37 15.38
N ASP A 378 5.02 8.59 15.39
CA ASP A 378 4.58 9.20 16.66
C ASP A 378 3.45 8.43 17.30
N THR A 379 2.55 7.86 16.48
CA THR A 379 1.50 6.99 17.00
C THR A 379 2.08 5.79 17.72
N THR A 380 3.03 5.09 17.09
CA THR A 380 3.56 3.89 17.74
C THR A 380 4.69 4.19 18.69
N GLY A 381 5.41 5.28 18.45
CA GLY A 381 6.66 5.54 19.13
C GLY A 381 7.85 4.80 18.56
N THR A 382 7.65 3.95 17.54
CA THR A 382 8.74 3.18 16.96
C THR A 382 8.71 3.26 15.43
N TYR A 383 9.81 2.80 14.81
CA TYR A 383 9.97 2.90 13.36
C TYR A 383 9.40 1.71 12.59
N TYR A 384 8.93 0.67 13.28
CA TYR A 384 8.43 -0.52 12.61
C TYR A 384 7.28 -0.18 11.68
N LEU A 385 6.29 0.57 12.18
CA LEU A 385 5.12 0.80 11.34
C LEU A 385 5.45 1.55 10.05
N PRO A 386 6.12 2.70 10.07
CA PRO A 386 6.36 3.38 8.79
C PRO A 386 7.20 2.55 7.81
N PHE A 387 8.28 1.91 8.29
CA PHE A 387 9.10 1.17 7.34
C PHE A 387 8.37 -0.08 6.84
N LEU A 388 7.57 -0.72 7.68
CA LEU A 388 6.78 -1.84 7.22
C LEU A 388 5.77 -1.40 6.16
N CYS A 389 5.11 -0.23 6.37
CA CYS A 389 4.18 0.26 5.36
C CYS A 389 4.88 0.61 4.06
N ALA A 390 6.03 1.26 4.15
CA ALA A 390 6.78 1.59 2.92
C ALA A 390 7.21 0.32 2.21
N ALA A 391 7.64 -0.71 2.95
CA ALA A 391 7.99 -1.96 2.30
C ALA A 391 6.80 -2.54 1.56
N ALA A 392 5.62 -2.54 2.20
CA ALA A 392 4.44 -3.06 1.50
C ALA A 392 4.16 -2.27 0.22
N LEU A 393 4.22 -0.93 0.30
CA LEU A 393 3.99 -0.15 -0.91
C LEU A 393 5.01 -0.47 -1.99
N CYS A 394 6.29 -0.61 -1.60
CA CYS A 394 7.33 -0.91 -2.59
C CYS A 394 7.14 -2.32 -3.14
N ALA A 395 6.61 -3.25 -2.34
CA ALA A 395 6.31 -4.59 -2.85
C ALA A 395 5.20 -4.52 -3.90
N LEU A 396 4.14 -3.77 -3.60
CA LEU A 396 3.10 -3.58 -4.61
C LEU A 396 3.66 -2.96 -5.89
N GLY A 397 4.45 -1.90 -5.75
CA GLY A 397 5.04 -1.30 -6.93
C GLY A 397 5.88 -2.31 -7.69
N THR A 398 6.64 -3.14 -6.96
CA THR A 398 7.41 -4.21 -7.58
C THR A 398 6.53 -5.08 -8.45
N ALA A 399 5.42 -5.56 -7.89
CA ALA A 399 4.54 -6.44 -8.64
C ALA A 399 4.00 -5.73 -9.86
N ILE A 400 3.57 -4.48 -9.69
CA ILE A 400 2.99 -3.75 -10.82
C ILE A 400 4.02 -3.56 -11.92
N VAL A 401 5.17 -3.03 -11.58
CA VAL A 401 6.18 -2.72 -12.60
C VAL A 401 6.61 -4.00 -13.29
N PHE A 402 6.76 -5.09 -12.54
CA PHE A 402 7.22 -6.32 -13.16
C PHE A 402 6.16 -6.91 -14.09
N MET A 403 4.87 -6.80 -13.73
CA MET A 403 3.84 -7.44 -14.55
C MET A 403 3.35 -6.57 -15.70
N THR A 404 3.72 -5.29 -15.76
CA THR A 404 3.14 -4.39 -16.77
C THR A 404 4.07 -4.24 -17.98
N LYS A 405 3.70 -4.89 -19.13
CA LYS A 405 4.30 -4.90 -20.45
C LYS A 405 3.60 -3.90 -21.36
N PRO A 406 4.30 -3.37 -22.37
CA PRO A 406 3.73 -2.29 -23.25
C PRO A 406 2.40 -2.67 -23.88
N PRO A 407 1.50 -1.71 -24.07
CA PRO A 407 0.27 -1.97 -24.84
C PRO A 407 0.61 -2.17 -26.31
N GLU A 408 -0.40 -2.61 -27.08
CA GLU A 408 -0.17 -2.81 -28.52
C GLU A 408 0.16 -1.49 -29.18
N LYS A 409 1.12 -1.51 -30.11
CA LYS A 409 1.44 -0.27 -30.80
C LYS A 409 0.28 0.06 -31.73
N LYS A 410 -0.03 1.35 -31.88
CA LYS A 410 -1.23 1.76 -32.60
C LYS A 410 -1.01 1.83 -34.10
N HIS A 411 -2.02 1.38 -34.87
CA HIS A 411 -2.10 1.43 -36.34
C HIS A 411 -2.65 2.82 -36.73
N ALA A 412 -2.07 3.44 -37.76
CA ALA A 412 -2.57 4.74 -38.25
C ALA A 412 -3.18 4.55 -39.62
N LEU A 413 -4.39 3.96 -39.66
CA LEU A 413 -5.04 3.66 -40.93
C LEU A 413 -5.23 4.90 -41.79
N GLU A 414 -5.32 6.09 -41.19
CA GLU A 414 -5.50 7.28 -42.02
C GLU A 414 -4.22 7.63 -42.78
N LEU A 415 -3.06 7.33 -42.20
CA LEU A 415 -1.82 7.38 -42.96
C LEU A 415 -1.65 6.14 -43.82
N GLU A 416 -2.13 4.99 -43.32
CA GLU A 416 -1.93 3.72 -43.99
C GLU A 416 -2.66 3.63 -45.32
N VAL A 417 -3.79 4.33 -45.46
CA VAL A 417 -4.53 4.26 -46.72
C VAL A 417 -3.94 5.14 -47.80
N LEU A 418 -2.97 6.02 -47.46
CA LEU A 418 -2.29 6.85 -48.44
C LEU A 418 -1.47 6.04 -49.42
N PHE A 419 -1.29 4.75 -49.16
CA PHE A 419 -0.58 3.86 -50.07
C PHE A 419 -1.58 3.24 -51.06
N GLN A 420 -1.81 3.99 -52.15
CA GLN A 420 -2.82 3.71 -53.20
C GLN A 420 -4.07 3.02 -52.67
N PRO B 13 -14.38 -38.45 12.46
CA PRO B 13 -13.40 -37.70 13.27
C PRO B 13 -13.32 -36.27 12.79
N LEU B 14 -13.25 -36.12 11.46
CA LEU B 14 -13.32 -34.81 10.85
C LEU B 14 -14.65 -34.16 11.15
N LEU B 15 -15.73 -34.96 11.09
CA LEU B 15 -17.08 -34.47 11.29
C LEU B 15 -17.20 -33.65 12.56
N LEU B 16 -16.44 -34.01 13.60
CA LEU B 16 -16.47 -33.24 14.84
C LEU B 16 -16.00 -31.82 14.60
N GLY B 17 -14.88 -31.67 13.90
CA GLY B 17 -14.40 -30.34 13.54
C GLY B 17 -15.34 -29.62 12.60
N LEU B 18 -16.01 -30.36 11.71
CA LEU B 18 -17.03 -29.74 10.85
C LEU B 18 -18.16 -29.14 11.69
N LEU B 19 -18.68 -29.90 12.68
CA LEU B 19 -19.73 -29.40 13.56
C LEU B 19 -19.24 -28.22 14.41
N GLY B 20 -18.04 -28.32 14.97
CA GLY B 20 -17.53 -27.25 15.80
C GLY B 20 -17.31 -25.97 15.01
N SER B 21 -16.69 -26.09 13.83
CA SER B 21 -16.46 -24.92 12.99
C SER B 21 -17.76 -24.35 12.46
N THR B 22 -18.77 -25.21 12.23
CA THR B 22 -20.09 -24.73 11.84
C THR B 22 -20.71 -23.90 12.98
N THR B 23 -20.59 -24.38 14.21
CA THR B 23 -20.99 -23.60 15.38
C THR B 23 -20.26 -22.26 15.44
N CYS B 24 -18.94 -22.24 15.16
CA CYS B 24 -18.17 -20.99 15.22
C CYS B 24 -18.61 -20.01 14.13
N GLY B 25 -18.91 -20.52 12.93
CA GLY B 25 -19.41 -19.67 11.87
C GLY B 25 -20.78 -19.11 12.19
N MET B 26 -21.63 -19.92 12.84
CA MET B 26 -22.92 -19.44 13.33
C MET B 26 -22.73 -18.29 14.33
N LEU B 27 -21.79 -18.45 15.28
CA LEU B 27 -21.57 -17.40 16.28
C LEU B 27 -21.07 -16.11 15.63
N LEU B 28 -20.07 -16.22 14.75
CA LEU B 28 -19.48 -15.02 14.15
C LEU B 28 -20.42 -14.37 13.13
N TYR B 29 -21.33 -15.14 12.53
CA TYR B 29 -22.29 -14.58 11.59
C TYR B 29 -23.51 -13.96 12.29
N ALA B 30 -23.92 -14.51 13.45
CA ALA B 30 -25.16 -14.15 14.14
C ALA B 30 -25.49 -12.66 14.24
N TRP B 31 -24.47 -11.83 14.47
CA TRP B 31 -24.69 -10.41 14.77
C TRP B 31 -25.44 -9.69 13.65
N SER B 32 -25.15 -10.03 12.39
CA SER B 32 -25.76 -9.36 11.24
C SER B 32 -27.27 -9.52 11.22
N VAL B 33 -27.78 -10.68 11.65
CA VAL B 33 -29.21 -10.93 11.67
C VAL B 33 -29.93 -9.89 12.53
N PHE B 34 -29.29 -9.47 13.61
CA PHE B 34 -29.89 -8.54 14.56
C PHE B 34 -29.75 -7.08 14.17
N ILE B 35 -29.05 -6.75 13.08
CA ILE B 35 -28.86 -5.35 12.73
C ILE B 35 -30.19 -4.61 12.71
N LYS B 36 -31.14 -5.12 11.94
CA LYS B 36 -32.44 -4.47 11.82
C LYS B 36 -33.33 -4.68 13.06
N PRO B 37 -33.43 -5.88 13.64
CA PRO B 37 -34.27 -6.01 14.85
C PRO B 37 -33.82 -5.14 16.03
N LEU B 38 -32.52 -5.14 16.33
CA LEU B 38 -32.02 -4.28 17.39
C LEU B 38 -32.21 -2.81 17.05
N ASN B 39 -32.13 -2.47 15.76
CA ASN B 39 -32.44 -1.12 15.32
C ASN B 39 -33.92 -0.79 15.50
N ALA B 40 -34.80 -1.78 15.35
CA ALA B 40 -36.22 -1.57 15.56
C ALA B 40 -36.53 -1.28 17.01
N GLU B 41 -35.95 -2.07 17.92
CA GLU B 41 -36.28 -1.88 19.33
C GLU B 41 -35.61 -0.65 19.94
N PHE B 42 -34.34 -0.39 19.62
CA PHE B 42 -33.60 0.70 20.23
C PHE B 42 -33.12 1.67 19.15
N GLY B 43 -32.56 2.79 19.58
CA GLY B 43 -32.00 3.74 18.63
C GLY B 43 -30.61 3.37 18.13
N TRP B 44 -30.37 2.07 18.00
CA TRP B 44 -29.03 1.52 17.75
C TRP B 44 -28.67 1.46 16.27
N SER B 45 -27.53 2.06 15.92
CA SER B 45 -26.98 2.11 14.58
C SER B 45 -26.42 0.76 14.14
N ARG B 46 -26.14 0.69 12.85
CA ARG B 46 -25.45 -0.48 12.30
C ARG B 46 -24.10 -0.65 12.97
N ALA B 47 -23.35 0.45 13.08
CA ALA B 47 -22.03 0.40 13.69
C ALA B 47 -22.10 0.02 15.15
N GLU B 48 -23.15 0.45 15.84
CA GLU B 48 -23.28 0.09 17.25
C GLU B 48 -23.37 -1.43 17.40
N ILE B 49 -24.10 -2.08 16.51
CA ILE B 49 -24.22 -3.54 16.52
C ILE B 49 -22.95 -4.19 16.00
N ALA B 50 -22.30 -3.57 15.01
CA ALA B 50 -21.05 -4.06 14.45
C ALA B 50 -19.90 -4.02 15.46
N MET B 51 -19.99 -3.11 16.43
CA MET B 51 -18.99 -3.07 17.49
C MET B 51 -18.95 -4.40 18.23
N ALA B 52 -20.11 -5.01 18.44
CA ALA B 52 -20.18 -6.31 19.10
C ALA B 52 -19.47 -7.39 18.29
N PHE B 53 -19.59 -7.32 16.96
CA PHE B 53 -18.87 -8.26 16.12
C PHE B 53 -17.36 -8.02 16.18
N ALA B 54 -16.95 -6.76 16.23
CA ALA B 54 -15.52 -6.47 16.36
C ALA B 54 -14.97 -7.01 17.68
N ILE B 55 -15.73 -6.85 18.76
CA ILE B 55 -15.35 -7.41 20.05
C ILE B 55 -15.29 -8.93 19.98
N CYS B 56 -16.30 -9.55 19.35
CA CYS B 56 -16.32 -11.00 19.23
C CYS B 56 -15.08 -11.51 18.51
N CYS B 57 -14.71 -10.85 17.42
CA CYS B 57 -13.53 -11.27 16.67
C CYS B 57 -12.26 -11.08 17.48
N LEU B 58 -12.13 -9.94 18.16
CA LEU B 58 -10.93 -9.72 18.95
C LEU B 58 -10.79 -10.78 20.03
N ILE B 59 -11.81 -10.94 20.86
CA ILE B 59 -11.74 -11.90 21.95
C ILE B 59 -11.57 -13.31 21.42
N PHE B 60 -12.27 -13.64 20.35
CA PHE B 60 -12.17 -14.97 19.76
C PHE B 60 -10.73 -15.25 19.34
N GLY B 61 -10.14 -14.35 18.56
CA GLY B 61 -8.79 -14.56 18.11
C GLY B 61 -7.80 -14.58 19.25
N LEU B 62 -8.00 -13.73 20.25
CA LEU B 62 -7.08 -13.72 21.36
C LEU B 62 -7.19 -15.01 22.16
N MET B 63 -8.42 -15.46 22.41
CA MET B 63 -8.68 -16.63 23.23
C MET B 63 -8.26 -17.93 22.58
N THR B 64 -7.98 -17.93 21.27
CA THR B 64 -7.43 -19.14 20.68
C THR B 64 -6.11 -19.53 21.35
N PHE B 65 -5.26 -18.54 21.68
CA PHE B 65 -3.95 -18.81 22.27
C PHE B 65 -4.03 -19.56 23.60
N PRO B 66 -4.67 -19.03 24.65
CA PRO B 66 -4.79 -19.83 25.87
C PRO B 66 -5.52 -21.13 25.62
N ALA B 67 -6.48 -21.12 24.68
CA ALA B 67 -7.17 -22.36 24.32
C ALA B 67 -6.20 -23.40 23.80
N GLY B 68 -5.22 -22.97 22.98
CA GLY B 68 -4.23 -23.91 22.49
C GLY B 68 -3.30 -24.41 23.56
N ARG B 69 -2.83 -23.50 24.43
CA ARG B 69 -2.00 -23.92 25.55
C ARG B 69 -2.73 -24.97 26.39
N LEU B 70 -4.01 -24.73 26.67
CA LEU B 70 -4.79 -25.62 27.51
C LEU B 70 -5.17 -26.92 26.80
N SER B 71 -5.45 -26.90 25.50
CA SER B 71 -5.68 -28.16 24.79
C SER B 71 -4.43 -29.02 24.74
N ASP B 72 -3.26 -28.39 24.51
CA ASP B 72 -2.01 -29.14 24.54
C ASP B 72 -1.74 -29.70 25.94
N LYS B 73 -1.94 -28.89 26.99
CA LYS B 73 -1.58 -29.33 28.34
C LYS B 73 -2.60 -30.30 28.95
N MET B 74 -3.91 -30.01 28.86
CA MET B 74 -4.95 -30.79 29.53
C MET B 74 -5.96 -31.42 28.57
N GLY B 75 -5.65 -31.53 27.29
CA GLY B 75 -6.53 -32.19 26.36
C GLY B 75 -7.52 -31.22 25.72
N PRO B 76 -7.98 -31.55 24.52
CA PRO B 76 -8.86 -30.62 23.80
C PRO B 76 -10.31 -30.69 24.24
N ARG B 77 -10.74 -31.80 24.86
CA ARG B 77 -12.15 -31.95 25.22
C ARG B 77 -12.59 -30.92 26.25
N LYS B 78 -11.87 -30.81 27.37
CA LYS B 78 -12.22 -29.83 28.39
C LYS B 78 -12.29 -28.43 27.78
N VAL B 79 -11.33 -28.10 26.91
CA VAL B 79 -11.30 -26.76 26.33
C VAL B 79 -12.51 -26.54 25.45
N VAL B 80 -12.84 -27.53 24.60
CA VAL B 80 -13.95 -27.33 23.66
C VAL B 80 -15.28 -27.29 24.40
N MET B 81 -15.43 -28.14 25.41
CA MET B 81 -16.70 -28.16 26.13
C MET B 81 -16.88 -26.92 27.00
N THR B 82 -15.79 -26.45 27.63
CA THR B 82 -15.86 -25.18 28.36
C THR B 82 -16.22 -24.03 27.42
N GLY B 83 -15.63 -24.02 26.23
CA GLY B 83 -16.03 -23.02 25.25
C GLY B 83 -17.49 -23.14 24.86
N GLY B 84 -17.98 -24.37 24.70
CA GLY B 84 -19.39 -24.55 24.37
C GLY B 84 -20.29 -24.01 25.47
N VAL B 85 -19.93 -24.28 26.73
CA VAL B 85 -20.68 -23.77 27.85
C VAL B 85 -20.65 -22.24 27.85
N LEU B 86 -19.46 -21.66 27.71
CA LEU B 86 -19.34 -20.21 27.71
C LEU B 86 -20.14 -19.59 26.57
N LEU B 87 -20.12 -20.23 25.41
CA LEU B 87 -20.85 -19.73 24.27
C LEU B 87 -22.35 -19.76 24.54
N ALA B 88 -22.83 -20.89 25.06
CA ALA B 88 -24.24 -20.99 25.42
C ALA B 88 -24.60 -19.89 26.41
N ILE B 89 -23.74 -19.67 27.40
CA ILE B 89 -23.99 -18.64 28.40
C ILE B 89 -24.07 -17.26 27.76
N GLY B 90 -23.07 -16.92 26.94
CA GLY B 90 -23.03 -15.59 26.37
C GLY B 90 -24.19 -15.33 25.44
N PHE B 91 -24.57 -16.34 24.66
CA PHE B 91 -25.68 -16.24 23.73
C PHE B 91 -27.02 -16.09 24.47
N ILE B 92 -27.25 -16.95 25.46
CA ILE B 92 -28.50 -16.91 26.23
C ILE B 92 -28.61 -15.60 27.00
N LEU B 93 -27.49 -15.14 27.57
CA LEU B 93 -27.50 -13.86 28.28
C LEU B 93 -27.68 -12.68 27.32
N SER B 94 -27.12 -12.76 26.10
CA SER B 94 -27.45 -11.78 25.06
C SER B 94 -28.95 -11.69 24.84
N GLY B 95 -29.65 -12.82 25.01
CA GLY B 95 -31.09 -12.80 24.90
C GLY B 95 -31.77 -11.84 25.86
N PHE B 96 -31.17 -11.60 27.04
CA PHE B 96 -31.78 -10.77 28.07
C PHE B 96 -31.21 -9.35 28.15
N ILE B 97 -30.67 -8.81 27.05
CA ILE B 97 -29.99 -7.51 27.13
C ILE B 97 -31.00 -6.36 27.00
N GLN B 98 -30.56 -5.18 27.48
CA GLN B 98 -31.31 -3.93 27.33
C GLN B 98 -30.46 -2.74 26.90
N SER B 99 -29.14 -2.86 26.89
CA SER B 99 -28.23 -1.76 26.55
C SER B 99 -27.18 -2.28 25.58
N LYS B 100 -26.44 -1.32 25.01
CA LYS B 100 -25.36 -1.70 24.09
C LYS B 100 -24.24 -2.43 24.83
N TYR B 101 -23.76 -1.84 25.94
CA TYR B 101 -22.65 -2.45 26.66
C TYR B 101 -22.99 -3.86 27.13
N GLN B 102 -24.25 -4.07 27.49
CA GLN B 102 -24.69 -5.40 27.85
C GLN B 102 -24.44 -6.39 26.71
N LEU B 103 -24.76 -5.99 25.47
CA LEU B 103 -24.53 -6.87 24.34
C LEU B 103 -23.04 -7.09 24.11
N TYR B 104 -22.25 -6.01 24.19
CA TYR B 104 -20.80 -6.14 24.02
C TYR B 104 -20.25 -7.19 24.98
N ILE B 105 -20.71 -7.16 26.23
CA ILE B 105 -20.24 -8.11 27.24
C ILE B 105 -20.67 -9.54 26.88
N THR B 106 -21.97 -9.74 26.71
CA THR B 106 -22.51 -11.09 26.51
C THR B 106 -22.02 -11.70 25.20
N TYR B 107 -22.27 -11.02 24.09
CA TYR B 107 -21.91 -11.55 22.78
C TYR B 107 -20.42 -11.40 22.53
N GLY B 108 -19.88 -10.19 22.70
CA GLY B 108 -18.48 -10.00 22.38
C GLY B 108 -17.55 -10.79 23.28
N VAL B 109 -17.66 -10.61 24.58
CA VAL B 109 -16.66 -11.16 25.48
C VAL B 109 -16.96 -12.61 25.81
N ILE B 110 -18.09 -12.86 26.48
CA ILE B 110 -18.45 -14.21 26.88
C ILE B 110 -18.47 -15.14 25.67
N ALA B 111 -19.36 -14.83 24.72
CA ALA B 111 -19.55 -15.71 23.57
C ALA B 111 -18.29 -15.80 22.72
N GLY B 112 -17.59 -14.67 22.51
CA GLY B 112 -16.36 -14.72 21.75
C GLY B 112 -15.29 -15.56 22.43
N PHE B 113 -15.22 -15.44 23.75
CA PHE B 113 -14.33 -16.30 24.53
C PHE B 113 -14.62 -17.77 24.24
N GLY B 114 -15.86 -18.18 24.49
CA GLY B 114 -16.26 -19.56 24.21
C GLY B 114 -16.03 -19.96 22.77
N GLY B 115 -16.17 -19.01 21.84
CA GLY B 115 -15.96 -19.31 20.45
C GLY B 115 -14.51 -19.65 20.15
N GLY B 116 -13.59 -18.86 20.70
CA GLY B 116 -12.18 -19.19 20.50
C GLY B 116 -11.83 -20.55 21.08
N MET B 117 -12.39 -20.84 22.27
CA MET B 117 -12.13 -22.13 22.92
C MET B 117 -12.68 -23.30 22.11
N ILE B 118 -13.79 -23.09 21.39
CA ILE B 118 -14.32 -24.13 20.50
C ILE B 118 -13.47 -24.27 19.23
N TYR B 119 -13.03 -23.14 18.68
CA TYR B 119 -12.40 -23.13 17.35
C TYR B 119 -11.03 -23.79 17.34
N LEU B 120 -10.18 -23.50 18.34
CA LEU B 120 -8.79 -23.94 18.11
C LEU B 120 -8.50 -25.44 18.33
N PRO B 121 -8.97 -26.06 19.41
CA PRO B 121 -8.53 -27.45 19.71
C PRO B 121 -8.81 -28.43 18.58
N PRO B 122 -9.94 -28.32 17.86
CA PRO B 122 -10.10 -29.23 16.71
C PRO B 122 -9.08 -28.98 15.60
N ILE B 123 -8.76 -27.72 15.31
CA ILE B 123 -7.72 -27.43 14.32
C ILE B 123 -6.39 -28.06 14.73
N ALA B 124 -6.10 -28.07 16.04
CA ALA B 124 -4.84 -28.67 16.48
C ALA B 124 -4.89 -30.19 16.54
N THR B 125 -6.09 -30.76 16.72
CA THR B 125 -6.25 -32.19 16.94
C THR B 125 -6.47 -32.98 15.64
N ALA B 126 -7.32 -32.48 14.74
CA ALA B 126 -7.69 -33.24 13.54
C ALA B 126 -6.49 -33.68 12.69
N PRO B 127 -5.51 -32.83 12.37
CA PRO B 127 -4.36 -33.30 11.58
C PRO B 127 -3.57 -34.43 12.25
N LYS B 128 -3.59 -34.52 13.58
CA LYS B 128 -2.88 -35.61 14.26
C LYS B 128 -3.37 -36.98 13.80
N TRP B 129 -4.59 -37.06 13.25
CA TRP B 129 -5.18 -38.27 12.70
C TRP B 129 -4.86 -38.51 11.24
N TRP B 130 -4.31 -37.53 10.54
CA TRP B 130 -4.09 -37.61 9.10
C TRP B 130 -2.73 -37.05 8.75
N PRO B 131 -1.64 -37.72 9.16
CA PRO B 131 -0.31 -37.29 8.70
C PRO B 131 -0.14 -37.46 7.21
N ASP B 132 -1.00 -38.26 6.59
CA ASP B 132 -1.06 -38.39 5.14
C ASP B 132 -1.86 -37.27 4.48
N ARG B 133 -2.78 -36.62 5.21
CA ARG B 133 -3.62 -35.55 4.67
C ARG B 133 -3.82 -34.42 5.69
N ARG B 134 -2.74 -33.76 6.09
CA ARG B 134 -2.84 -32.82 7.21
C ARG B 134 -3.68 -31.59 6.85
N ALA B 135 -3.41 -30.97 5.71
CA ALA B 135 -4.08 -29.72 5.39
C ALA B 135 -5.56 -29.94 5.10
N LEU B 136 -5.92 -31.06 4.47
CA LEU B 136 -7.33 -31.38 4.24
C LEU B 136 -8.10 -31.55 5.55
N ALA B 137 -7.50 -32.25 6.52
CA ALA B 137 -8.13 -32.38 7.84
C ALA B 137 -8.29 -31.01 8.49
N THR B 138 -7.23 -30.20 8.44
CA THR B 138 -7.35 -28.81 8.90
C THR B 138 -8.53 -28.12 8.22
N GLY B 139 -8.69 -28.34 6.91
CA GLY B 139 -9.78 -27.73 6.18
C GLY B 139 -11.14 -28.16 6.69
N PHE B 140 -11.25 -29.44 7.08
CA PHE B 140 -12.49 -29.89 7.72
C PHE B 140 -12.69 -29.18 9.06
N ALA B 141 -11.60 -28.91 9.77
CA ALA B 141 -11.70 -28.17 11.02
C ALA B 141 -12.08 -26.70 10.83
N VAL B 142 -11.92 -26.15 9.63
CA VAL B 142 -12.20 -24.73 9.41
C VAL B 142 -13.34 -24.44 8.43
N VAL B 143 -13.87 -25.43 7.72
CA VAL B 143 -14.84 -25.16 6.66
C VAL B 143 -16.17 -24.66 7.25
N GLY B 144 -16.47 -25.07 8.48
CA GLY B 144 -17.71 -24.62 9.09
C GLY B 144 -17.82 -23.11 9.15
N LEU B 145 -16.69 -22.41 9.05
CA LEU B 145 -16.76 -20.93 9.09
C LEU B 145 -17.34 -20.41 7.79
N GLY B 146 -17.11 -21.13 6.69
CA GLY B 146 -17.78 -20.74 5.49
C GLY B 146 -19.18 -21.32 5.36
N LEU B 147 -19.57 -22.23 6.26
CA LEU B 147 -20.90 -22.85 6.17
C LEU B 147 -21.92 -22.27 7.15
N GLY B 148 -21.43 -21.61 8.20
CA GLY B 148 -22.32 -21.12 9.25
C GLY B 148 -23.35 -20.12 8.76
N SER B 149 -22.96 -19.28 7.80
CA SER B 149 -23.92 -18.35 7.19
C SER B 149 -25.09 -19.12 6.58
N PHE B 150 -24.80 -20.07 5.69
CA PHE B 150 -25.84 -20.82 5.01
C PHE B 150 -26.76 -21.54 5.99
N LEU B 151 -26.23 -21.96 7.14
CA LEU B 151 -27.11 -22.63 8.10
C LEU B 151 -27.91 -21.65 8.96
N MET B 152 -27.29 -20.61 9.50
CA MET B 152 -28.00 -19.78 10.47
C MET B 152 -28.91 -18.74 9.82
N GLY B 153 -28.48 -18.14 8.70
CA GLY B 153 -29.27 -17.10 8.06
C GLY B 153 -30.76 -17.40 8.00
N PRO B 154 -31.12 -18.51 7.33
CA PRO B 154 -32.56 -18.88 7.27
C PRO B 154 -33.17 -19.18 8.63
N LEU B 155 -32.41 -19.79 9.53
CA LEU B 155 -32.95 -20.15 10.85
C LEU B 155 -33.31 -18.90 11.66
N ALA B 156 -32.34 -17.98 11.75
CA ALA B 156 -32.56 -16.74 12.48
C ALA B 156 -33.64 -15.90 11.79
N THR B 157 -33.68 -15.93 10.45
CA THR B 157 -34.71 -15.18 9.75
C THR B 157 -36.10 -15.71 10.07
N TYR B 158 -36.25 -17.04 10.14
CA TYR B 158 -37.53 -17.60 10.53
C TYR B 158 -37.92 -17.14 11.93
N ILE B 159 -37.01 -17.30 12.89
CA ILE B 159 -37.40 -17.06 14.28
C ILE B 159 -37.81 -15.60 14.50
N ILE B 160 -37.08 -14.65 13.90
CA ILE B 160 -37.38 -13.24 14.13
C ILE B 160 -38.77 -12.85 13.64
N GLY B 166 -39.74 -13.34 18.12
CA GLY B 166 -38.82 -12.21 17.93
C GLY B 166 -37.37 -12.62 17.83
N TRP B 167 -36.48 -11.62 17.86
CA TRP B 167 -35.06 -11.90 17.77
C TRP B 167 -34.52 -12.59 19.03
N ARG B 168 -35.08 -12.24 20.19
CA ARG B 168 -34.64 -12.89 21.43
C ARG B 168 -34.78 -14.40 21.33
N TYR B 169 -35.81 -14.89 20.63
CA TYR B 169 -35.92 -16.32 20.41
C TYR B 169 -34.76 -16.84 19.57
N VAL B 170 -34.27 -16.04 18.62
CA VAL B 170 -33.05 -16.44 17.93
C VAL B 170 -31.93 -16.69 18.94
N PHE B 171 -31.77 -15.74 19.88
CA PHE B 171 -30.71 -15.93 20.88
C PHE B 171 -30.94 -17.16 21.76
N TRP B 172 -32.15 -17.35 22.28
CA TRP B 172 -32.31 -18.45 23.23
C TRP B 172 -32.14 -19.79 22.53
N TYR B 173 -32.85 -19.98 21.40
CA TYR B 173 -32.87 -21.28 20.74
C TYR B 173 -31.52 -21.60 20.11
N CYS B 174 -31.00 -20.68 19.29
CA CYS B 174 -29.76 -20.97 18.62
C CYS B 174 -28.64 -21.21 19.63
N GLY B 175 -28.73 -20.65 20.85
CA GLY B 175 -27.62 -20.89 21.75
C GLY B 175 -27.69 -22.22 22.45
N VAL B 176 -28.91 -22.67 22.74
CA VAL B 176 -29.07 -24.07 23.11
C VAL B 176 -28.48 -24.99 22.03
N ALA B 177 -28.79 -24.69 20.77
CA ALA B 177 -28.32 -25.54 19.66
C ALA B 177 -26.81 -25.52 19.50
N MET B 178 -26.20 -24.34 19.62
CA MET B 178 -24.76 -24.23 19.44
C MET B 178 -24.01 -24.85 20.61
N GLY B 179 -24.51 -24.62 21.83
CA GLY B 179 -23.95 -25.35 22.96
C GLY B 179 -24.02 -26.84 22.76
N ILE B 180 -25.13 -27.33 22.21
CA ILE B 180 -25.29 -28.76 21.99
C ILE B 180 -24.31 -29.26 20.93
N MET B 181 -24.24 -28.57 19.80
CA MET B 181 -23.32 -28.98 18.73
C MET B 181 -21.88 -28.95 19.22
N ALA B 182 -21.51 -27.91 19.98
CA ALA B 182 -20.15 -27.77 20.47
C ALA B 182 -19.83 -28.81 21.52
N LEU B 183 -20.79 -29.14 22.37
CA LEU B 183 -20.57 -30.19 23.35
C LEU B 183 -20.50 -31.56 22.69
N ILE B 184 -21.26 -31.77 21.62
CA ILE B 184 -21.16 -33.02 20.86
C ILE B 184 -19.81 -33.11 20.16
N ALA B 185 -19.33 -31.98 19.63
CA ALA B 185 -18.02 -31.95 18.99
C ALA B 185 -16.88 -32.19 19.99
N GLY B 186 -16.92 -31.50 21.14
CA GLY B 186 -15.86 -31.63 22.13
C GLY B 186 -15.92 -32.89 22.96
N ALA B 187 -17.11 -33.49 23.06
CA ALA B 187 -17.25 -34.72 23.84
C ALA B 187 -16.49 -35.87 23.19
N PHE B 188 -16.51 -35.95 21.86
CA PHE B 188 -15.89 -37.05 21.13
C PHE B 188 -14.49 -36.71 20.60
N LEU B 189 -13.86 -35.62 21.06
CA LEU B 189 -12.57 -35.20 20.53
C LEU B 189 -11.44 -35.53 21.51
N GLU B 190 -10.38 -36.16 20.99
CA GLU B 190 -9.19 -36.53 21.73
C GLU B 190 -8.06 -36.75 20.74
N PRO B 191 -6.80 -36.42 21.08
CA PRO B 191 -5.64 -36.60 20.18
C PRO B 191 -5.27 -38.05 19.89
N ARG B 217 11.21 -35.72 14.92
CA ARG B 217 11.07 -34.98 16.17
C ARG B 217 10.29 -33.71 15.86
N ASP B 218 9.58 -33.15 16.83
CA ASP B 218 8.84 -31.90 16.66
C ASP B 218 9.45 -30.80 17.51
N TRP B 219 9.10 -29.56 17.15
CA TRP B 219 9.47 -28.40 17.94
C TRP B 219 8.49 -28.25 19.11
N THR B 220 8.94 -27.56 20.15
CA THR B 220 8.10 -27.21 21.29
C THR B 220 7.57 -25.78 21.13
N TYR B 221 6.52 -25.46 21.91
CA TYR B 221 5.95 -24.12 21.87
C TYR B 221 6.99 -23.08 22.21
N GLU B 222 7.82 -23.34 23.22
CA GLU B 222 8.88 -22.40 23.56
C GLU B 222 9.88 -22.27 22.42
N GLU B 223 10.17 -23.38 21.73
CA GLU B 223 11.10 -23.31 20.60
C GLU B 223 10.46 -22.62 19.39
N ALA B 224 9.20 -22.91 19.11
CA ALA B 224 8.55 -22.31 17.94
C ALA B 224 8.31 -20.81 18.15
N LYS B 225 7.89 -20.41 19.36
CA LYS B 225 7.65 -19.01 19.67
C LYS B 225 8.89 -18.13 19.44
N GLY B 226 10.09 -18.72 19.44
CA GLY B 226 11.31 -17.97 19.24
C GLY B 226 11.93 -17.96 17.86
N ASP B 227 11.36 -18.65 16.88
CA ASP B 227 11.92 -18.67 15.53
C ASP B 227 11.49 -17.43 14.74
N THR B 228 12.39 -16.92 13.91
CA THR B 228 12.01 -15.78 13.07
C THR B 228 10.98 -16.19 12.01
N LYS B 229 11.01 -17.45 11.56
CA LYS B 229 10.06 -17.90 10.54
C LYS B 229 8.62 -17.85 11.06
N PHE B 230 8.44 -18.14 12.36
CA PHE B 230 7.11 -18.07 12.97
C PHE B 230 6.56 -16.65 12.89
N TRP B 231 7.39 -15.65 13.18
CA TRP B 231 6.89 -14.28 13.15
C TRP B 231 6.78 -13.72 11.75
N LEU B 232 7.56 -14.23 10.78
CA LEU B 232 7.26 -13.93 9.39
C LEU B 232 5.86 -14.42 9.04
N LEU B 233 5.55 -15.65 9.45
CA LEU B 233 4.22 -16.17 9.17
C LEU B 233 3.17 -15.33 9.89
N TYR B 234 3.48 -14.90 11.11
CA TYR B 234 2.60 -14.02 11.88
C TYR B 234 2.34 -12.71 11.14
N LEU B 235 3.39 -12.10 10.59
CA LEU B 235 3.20 -10.86 9.85
C LEU B 235 2.39 -11.10 8.59
N ALA B 236 2.68 -12.19 7.86
CA ALA B 236 1.91 -12.51 6.65
C ALA B 236 0.45 -12.73 6.98
N TYR B 237 0.18 -13.48 8.06
CA TYR B 237 -1.19 -13.74 8.48
C TYR B 237 -1.90 -12.43 8.77
N PHE B 238 -1.25 -11.54 9.51
CA PHE B 238 -1.88 -10.26 9.78
C PHE B 238 -2.17 -9.54 8.47
N CYS B 239 -1.21 -9.53 7.55
CA CYS B 239 -1.41 -8.76 6.33
C CYS B 239 -2.60 -9.26 5.53
N GLY B 240 -2.66 -10.57 5.29
CA GLY B 240 -3.74 -11.07 4.47
C GLY B 240 -5.07 -10.90 5.18
N SER B 241 -5.12 -11.26 6.45
CA SER B 241 -6.34 -11.15 7.26
C SER B 241 -6.86 -9.71 7.28
N PHE B 242 -5.98 -8.74 7.56
CA PHE B 242 -6.39 -7.34 7.61
C PHE B 242 -6.90 -6.86 6.25
N ALA B 243 -6.19 -7.21 5.17
CA ALA B 243 -6.62 -6.78 3.84
C ALA B 243 -8.00 -7.32 3.51
N GLY B 244 -8.16 -8.63 3.67
CA GLY B 244 -9.46 -9.22 3.36
C GLY B 244 -10.57 -8.56 4.15
N LEU B 245 -10.38 -8.43 5.47
CA LEU B 245 -11.44 -7.89 6.33
C LEU B 245 -11.66 -6.42 6.12
N MET B 246 -10.68 -5.74 5.53
CA MET B 246 -10.81 -4.33 5.22
C MET B 246 -11.70 -4.10 3.99
N VAL B 247 -11.69 -5.03 3.01
CA VAL B 247 -12.41 -4.78 1.76
C VAL B 247 -13.68 -5.60 1.60
N ILE B 248 -13.75 -6.78 2.22
CA ILE B 248 -14.84 -7.70 1.92
C ILE B 248 -16.18 -7.05 2.23
N GLY B 249 -16.28 -6.35 3.35
CA GLY B 249 -17.55 -5.69 3.64
C GLY B 249 -17.87 -4.52 2.72
N HIS B 250 -16.93 -4.13 1.88
CA HIS B 250 -17.13 -2.99 1.02
C HIS B 250 -17.28 -3.34 -0.45
N LEU B 251 -17.05 -4.61 -0.81
CA LEU B 251 -17.24 -5.06 -2.19
C LEU B 251 -18.61 -4.62 -2.75
N ALA B 252 -19.67 -4.87 -2.00
CA ALA B 252 -21.00 -4.60 -2.55
C ALA B 252 -21.23 -3.10 -2.69
N GLY B 253 -20.77 -2.32 -1.72
CA GLY B 253 -20.88 -0.88 -1.87
C GLY B 253 -20.03 -0.39 -3.04
N PHE B 254 -18.86 -0.99 -3.24
CA PHE B 254 -18.08 -0.64 -4.41
C PHE B 254 -18.86 -0.88 -5.67
N GLY B 255 -19.48 -2.06 -5.77
CA GLY B 255 -20.29 -2.37 -6.94
C GLY B 255 -21.40 -1.35 -7.15
N ARG B 256 -22.19 -1.08 -6.11
CA ARG B 256 -23.31 -0.16 -6.27
C ARG B 256 -22.79 1.24 -6.60
N ASP B 257 -21.77 1.69 -5.87
CA ASP B 257 -21.17 2.99 -6.12
C ASP B 257 -20.62 3.06 -7.55
N ALA B 258 -20.26 1.90 -8.12
CA ALA B 258 -19.77 1.85 -9.50
C ALA B 258 -20.89 1.90 -10.52
N GLY B 259 -22.15 1.84 -10.10
CA GLY B 259 -23.29 1.95 -10.99
C GLY B 259 -24.21 0.74 -11.07
N LEU B 260 -23.88 -0.36 -10.41
CA LEU B 260 -24.78 -1.51 -10.41
C LEU B 260 -25.92 -1.26 -9.41
N THR B 261 -27.05 -1.90 -9.64
CA THR B 261 -28.09 -1.88 -8.61
C THR B 261 -27.63 -2.63 -7.38
N ALA B 262 -28.19 -2.26 -6.23
CA ALA B 262 -27.86 -2.93 -4.98
C ALA B 262 -28.13 -4.43 -5.09
N MET B 263 -29.24 -4.78 -5.75
CA MET B 263 -29.55 -6.18 -6.00
C MET B 263 -28.44 -6.85 -6.79
N ALA B 264 -27.99 -6.21 -7.86
CA ALA B 264 -26.96 -6.81 -8.70
C ALA B 264 -25.65 -6.92 -7.95
N ALA B 265 -25.23 -5.82 -7.30
CA ALA B 265 -23.95 -5.81 -6.61
C ALA B 265 -23.92 -6.83 -5.48
N ALA B 266 -25.01 -6.91 -4.71
CA ALA B 266 -25.02 -7.84 -3.59
C ALA B 266 -25.04 -9.27 -4.09
N GLY B 267 -25.90 -9.58 -5.07
CA GLY B 267 -25.90 -10.90 -5.66
C GLY B 267 -24.53 -11.32 -6.15
N ALA B 268 -23.85 -10.42 -6.86
CA ALA B 268 -22.50 -10.73 -7.32
C ALA B 268 -21.60 -11.06 -6.16
N VAL B 269 -21.54 -10.16 -5.17
CA VAL B 269 -20.62 -10.35 -4.05
C VAL B 269 -20.95 -11.62 -3.27
N SER B 270 -22.21 -12.06 -3.31
CA SER B 270 -22.59 -13.21 -2.48
C SER B 270 -21.86 -14.51 -2.87
N SER B 271 -21.33 -14.62 -4.10
CA SER B 271 -20.61 -15.84 -4.46
C SER B 271 -19.31 -16.01 -3.65
N LEU B 272 -18.89 -14.93 -2.99
CA LEU B 272 -17.73 -14.99 -2.12
C LEU B 272 -17.93 -16.02 -1.01
N ALA B 273 -19.16 -16.16 -0.52
CA ALA B 273 -19.43 -17.13 0.54
C ALA B 273 -19.14 -18.55 0.07
N PHE B 274 -19.58 -18.88 -1.15
CA PHE B 274 -19.38 -20.23 -1.66
C PHE B 274 -17.90 -20.52 -1.79
N SER B 275 -17.15 -19.59 -2.40
CA SER B 275 -15.74 -19.90 -2.59
C SER B 275 -15.00 -19.92 -1.26
N ASN B 276 -15.39 -19.06 -0.31
CA ASN B 276 -14.76 -19.04 1.01
C ASN B 276 -14.96 -20.37 1.73
N ALA B 277 -16.14 -20.98 1.56
CA ALA B 277 -16.33 -22.31 2.13
C ALA B 277 -15.47 -23.33 1.38
N ALA B 278 -15.58 -23.36 0.05
CA ALA B 278 -14.97 -24.43 -0.72
C ALA B 278 -13.45 -24.44 -0.59
N THR B 279 -12.83 -23.26 -0.59
CA THR B 279 -11.37 -23.18 -0.61
C THR B 279 -10.77 -23.84 0.63
N ARG B 280 -11.47 -23.85 1.75
CA ARG B 280 -10.89 -24.40 2.98
C ARG B 280 -10.62 -25.89 2.82
N ILE B 281 -11.51 -26.60 2.13
CA ILE B 281 -11.31 -28.03 1.88
C ILE B 281 -10.39 -28.25 0.68
N LEU B 282 -10.67 -27.54 -0.41
CA LEU B 282 -9.98 -27.84 -1.66
C LEU B 282 -8.51 -27.44 -1.58
N SER B 283 -8.21 -26.26 -1.05
CA SER B 283 -6.81 -25.85 -0.92
C SER B 283 -6.03 -26.79 0.00
N GLY B 284 -6.67 -27.25 1.08
CA GLY B 284 -6.00 -28.18 1.98
C GLY B 284 -5.58 -29.45 1.28
N TRP B 285 -6.53 -30.08 0.57
CA TRP B 285 -6.18 -31.27 -0.18
C TRP B 285 -5.14 -30.99 -1.26
N PHE B 286 -5.25 -29.85 -1.96
CA PHE B 286 -4.29 -29.51 -3.02
C PHE B 286 -2.87 -29.50 -2.47
N VAL B 287 -2.65 -28.71 -1.41
CA VAL B 287 -1.30 -28.59 -0.88
C VAL B 287 -0.84 -29.87 -0.18
N ASP B 288 -1.77 -30.66 0.38
CA ASP B 288 -1.38 -31.97 0.87
C ASP B 288 -0.77 -32.77 -0.26
N LYS B 289 -1.31 -32.59 -1.46
CA LYS B 289 -0.79 -33.32 -2.61
C LYS B 289 0.53 -32.74 -3.14
N ILE B 290 0.65 -31.40 -3.25
CA ILE B 290 1.77 -30.80 -3.97
C ILE B 290 2.64 -29.89 -3.11
N GLY B 291 2.37 -29.73 -1.83
CA GLY B 291 3.12 -28.80 -1.02
C GLY B 291 2.42 -27.47 -0.90
N ILE B 292 2.90 -26.65 0.03
CA ILE B 292 2.19 -25.44 0.46
C ILE B 292 2.75 -24.18 -0.22
N ARG B 293 4.07 -24.00 -0.17
CA ARG B 293 4.64 -22.65 -0.26
C ARG B 293 4.29 -21.94 -1.56
N VAL B 294 4.49 -22.60 -2.70
CA VAL B 294 4.35 -21.92 -3.99
C VAL B 294 2.89 -21.60 -4.25
N TYR B 295 1.99 -22.56 -4.00
CA TYR B 295 0.55 -22.30 -4.11
C TYR B 295 0.08 -21.21 -3.15
N PHE B 296 0.56 -21.25 -1.90
CA PHE B 296 0.18 -20.25 -0.90
C PHE B 296 0.59 -18.85 -1.36
N ALA B 297 1.85 -18.70 -1.77
CA ALA B 297 2.32 -17.43 -2.30
C ALA B 297 1.52 -17.02 -3.52
N ALA B 298 1.17 -17.98 -4.37
CA ALA B 298 0.39 -17.63 -5.56
C ALA B 298 -0.97 -17.06 -5.17
N LEU B 299 -1.65 -17.69 -4.20
CA LEU B 299 -2.95 -17.18 -3.73
C LEU B 299 -2.83 -15.74 -3.22
N PHE B 300 -1.79 -15.45 -2.44
CA PHE B 300 -1.56 -14.07 -2.01
C PHE B 300 -1.37 -13.12 -3.20
N ALA B 301 -0.61 -13.58 -4.20
CA ALA B 301 -0.39 -12.77 -5.39
C ALA B 301 -1.71 -12.52 -6.12
N LEU B 302 -2.54 -13.54 -6.22
CA LEU B 302 -3.83 -13.39 -6.87
C LEU B 302 -4.69 -12.40 -6.10
N GLN B 303 -4.62 -12.43 -4.76
CA GLN B 303 -5.37 -11.50 -3.95
C GLN B 303 -4.93 -10.05 -4.21
N THR B 304 -3.61 -9.84 -4.35
CA THR B 304 -3.10 -8.51 -4.71
C THR B 304 -3.68 -8.05 -6.05
N ALA B 305 -3.65 -8.97 -7.03
CA ALA B 305 -4.22 -8.65 -8.33
C ALA B 305 -5.69 -8.29 -8.20
N ALA B 306 -6.43 -9.00 -7.35
CA ALA B 306 -7.88 -8.79 -7.28
C ALA B 306 -8.21 -7.44 -6.68
N MET B 307 -7.51 -7.08 -5.60
CA MET B 307 -7.70 -5.75 -5.05
C MET B 307 -7.45 -4.68 -6.09
N ILE B 308 -6.50 -4.91 -7.00
CA ILE B 308 -6.35 -3.92 -8.06
C ILE B 308 -7.44 -4.06 -9.13
N ALA B 309 -7.75 -5.28 -9.54
CA ALA B 309 -8.57 -5.48 -10.73
C ALA B 309 -10.01 -5.06 -10.51
N ILE B 310 -10.46 -5.00 -9.25
CA ILE B 310 -11.85 -4.56 -9.05
C ILE B 310 -12.09 -3.18 -9.67
N PHE B 311 -11.06 -2.34 -9.79
CA PHE B 311 -11.25 -1.02 -10.38
C PHE B 311 -11.54 -1.08 -11.87
N GLN B 312 -11.29 -2.21 -12.52
CA GLN B 312 -11.77 -2.36 -13.88
C GLN B 312 -13.02 -3.24 -13.95
N LEU B 313 -13.12 -4.23 -13.07
CA LEU B 313 -14.17 -5.23 -13.17
C LEU B 313 -15.40 -4.96 -12.31
N GLY B 314 -15.35 -4.04 -11.34
CA GLY B 314 -16.44 -3.89 -10.38
C GLY B 314 -17.71 -3.31 -10.97
N GLY B 315 -17.68 -2.88 -12.23
CA GLY B 315 -18.82 -2.28 -12.88
C GLY B 315 -19.70 -3.24 -13.66
N SER B 316 -19.50 -4.54 -13.51
CA SER B 316 -20.37 -5.51 -14.14
C SER B 316 -20.57 -6.66 -13.18
N VAL B 317 -21.75 -7.27 -13.26
CA VAL B 317 -22.09 -8.40 -12.39
C VAL B 317 -21.08 -9.51 -12.56
N VAL B 318 -20.69 -9.79 -13.80
CA VAL B 318 -19.76 -10.88 -14.04
C VAL B 318 -18.39 -10.56 -13.47
N GLY B 319 -17.89 -9.35 -13.74
CA GLY B 319 -16.58 -8.98 -13.22
C GLY B 319 -16.55 -8.91 -11.70
N LEU B 320 -17.55 -8.26 -11.12
CA LEU B 320 -17.62 -8.17 -9.66
C LEU B 320 -17.77 -9.56 -9.04
N SER B 321 -18.54 -10.43 -9.69
CA SER B 321 -18.65 -11.82 -9.25
C SER B 321 -17.28 -12.47 -9.22
N ILE B 322 -16.50 -12.29 -10.27
CA ILE B 322 -15.19 -12.91 -10.36
C ILE B 322 -14.31 -12.39 -9.25
N VAL B 323 -14.27 -11.06 -9.09
CA VAL B 323 -13.46 -10.46 -8.03
C VAL B 323 -13.88 -11.06 -6.69
N ALA B 324 -15.18 -11.16 -6.46
CA ALA B 324 -15.67 -11.66 -5.19
C ALA B 324 -15.25 -13.11 -4.97
N ILE B 325 -15.41 -13.95 -6.01
CA ILE B 325 -15.11 -15.37 -5.93
C ILE B 325 -13.64 -15.57 -5.60
N VAL B 326 -12.78 -14.82 -6.31
CA VAL B 326 -11.35 -14.92 -6.11
C VAL B 326 -10.96 -14.46 -4.72
N ILE B 327 -11.48 -13.30 -4.29
CA ILE B 327 -11.14 -12.76 -2.96
C ILE B 327 -11.50 -13.76 -1.89
N GLY B 328 -12.69 -14.35 -2.00
CA GLY B 328 -13.09 -15.36 -1.06
C GLY B 328 -12.17 -16.56 -1.06
N TRP B 329 -11.74 -17.00 -2.25
CA TRP B 329 -10.91 -18.20 -2.32
C TRP B 329 -9.58 -17.96 -1.63
N ASN B 330 -8.94 -16.83 -1.95
CA ASN B 330 -7.66 -16.54 -1.32
C ASN B 330 -7.84 -16.29 0.17
N TYR B 331 -8.87 -15.53 0.57
CA TYR B 331 -9.12 -15.25 1.98
C TYR B 331 -9.33 -16.53 2.78
N GLY B 332 -10.26 -17.38 2.33
CA GLY B 332 -10.51 -18.62 3.03
C GLY B 332 -9.32 -19.56 3.07
N ALA B 333 -8.49 -19.56 2.01
CA ALA B 333 -7.38 -20.49 2.00
C ALA B 333 -6.39 -20.23 3.13
N MET B 334 -6.23 -18.97 3.54
CA MET B 334 -5.29 -18.64 4.61
C MET B 334 -5.54 -19.48 5.85
N PHE B 335 -6.80 -19.67 6.19
CA PHE B 335 -7.16 -20.34 7.42
C PHE B 335 -6.94 -21.85 7.34
N THR B 336 -6.58 -22.38 6.18
CA THR B 336 -6.06 -23.73 6.06
C THR B 336 -4.55 -23.75 5.89
N LEU B 337 -4.01 -22.80 5.14
CA LEU B 337 -2.61 -22.87 4.73
C LEU B 337 -1.67 -22.40 5.85
N PHE B 338 -2.06 -21.35 6.59
CA PHE B 338 -1.24 -20.98 7.75
C PHE B 338 -1.17 -22.07 8.81
N PRO B 339 -2.26 -22.70 9.26
CA PRO B 339 -2.07 -23.86 10.15
C PRO B 339 -1.27 -24.98 9.49
N ALA B 340 -1.47 -25.20 8.19
CA ALA B 340 -0.69 -26.23 7.49
C ALA B 340 0.78 -25.85 7.40
N THR B 341 1.09 -24.58 7.09
CA THR B 341 2.49 -24.16 7.05
C THR B 341 3.12 -24.29 8.44
N CYS B 342 2.41 -23.83 9.46
CA CYS B 342 2.89 -23.93 10.82
C CYS B 342 3.15 -25.39 11.21
N LEU B 343 2.25 -26.27 10.79
CA LEU B 343 2.39 -27.70 11.01
C LEU B 343 3.61 -28.26 10.30
N GLN B 344 3.87 -27.80 9.08
CA GLN B 344 5.05 -28.22 8.33
C GLN B 344 6.33 -27.73 9.00
N PHE B 345 6.35 -26.48 9.47
CA PHE B 345 7.56 -25.91 10.03
C PHE B 345 7.92 -26.56 11.36
N TYR B 346 6.94 -26.73 12.25
CA TYR B 346 7.27 -27.09 13.62
C TYR B 346 6.72 -28.43 14.10
N GLY B 347 5.81 -29.07 13.37
CA GLY B 347 5.27 -30.33 13.79
C GLY B 347 4.03 -30.19 14.66
N PRO B 348 3.30 -31.30 14.84
CA PRO B 348 1.99 -31.24 15.50
C PRO B 348 1.99 -31.25 17.03
N THR B 349 3.10 -31.58 17.69
CA THR B 349 3.05 -31.81 19.13
C THR B 349 2.54 -30.59 19.88
N ALA B 350 3.12 -29.42 19.58
CA ALA B 350 2.69 -28.18 20.21
C ALA B 350 1.80 -27.38 19.30
N GLN B 351 1.19 -28.03 18.31
CA GLN B 351 0.43 -27.29 17.31
C GLN B 351 -0.66 -26.46 17.96
N GLY B 352 -1.24 -26.95 19.06
CA GLY B 352 -2.22 -26.17 19.79
C GLY B 352 -1.66 -24.81 20.18
N SER B 353 -0.56 -24.81 20.94
CA SER B 353 0.04 -23.57 21.41
C SER B 353 0.61 -22.76 20.25
N ASN B 354 1.32 -23.41 19.32
CA ASN B 354 1.93 -22.70 18.19
C ASN B 354 0.89 -21.93 17.40
N TYR B 355 -0.11 -22.64 16.89
CA TYR B 355 -1.08 -21.99 16.02
C TYR B 355 -2.07 -21.11 16.79
N GLY B 356 -2.29 -21.37 18.08
CA GLY B 356 -3.06 -20.40 18.87
C GLY B 356 -2.36 -19.06 18.94
N LEU B 357 -1.08 -19.09 19.29
CA LEU B 357 -0.29 -17.87 19.24
C LEU B 357 -0.40 -17.25 17.86
N LEU B 358 -0.25 -18.07 16.80
CA LEU B 358 -0.27 -17.52 15.44
C LEU B 358 -1.61 -16.83 15.11
N PHE B 359 -2.72 -17.39 15.59
CA PHE B 359 -4.04 -16.88 15.23
C PHE B 359 -4.42 -15.62 16.00
N THR B 360 -3.72 -15.31 17.11
CA THR B 360 -3.96 -13.99 17.72
C THR B 360 -3.81 -12.86 16.69
N ALA B 361 -3.02 -13.10 15.64
CA ALA B 361 -2.92 -12.13 14.55
C ALA B 361 -4.30 -11.86 13.94
N CYS B 362 -5.07 -12.92 13.72
CA CYS B 362 -6.41 -12.75 13.21
C CYS B 362 -7.29 -12.02 14.21
N GLY B 363 -7.08 -12.29 15.49
CA GLY B 363 -7.87 -11.56 16.48
C GLY B 363 -7.70 -10.06 16.31
N LEU B 364 -6.46 -9.62 16.11
CA LEU B 364 -6.19 -8.19 15.95
C LEU B 364 -6.74 -7.66 14.63
N ALA B 365 -6.53 -8.41 13.54
CA ALA B 365 -7.07 -8.00 12.24
C ALA B 365 -8.59 -7.98 12.26
N GLY B 366 -9.21 -8.96 12.91
CA GLY B 366 -10.65 -8.98 13.00
C GLY B 366 -11.19 -7.79 13.76
N PHE B 367 -10.49 -7.38 14.83
CA PHE B 367 -10.96 -6.22 15.56
C PHE B 367 -10.88 -4.94 14.72
N ALA B 368 -9.76 -4.76 14.01
CA ALA B 368 -9.47 -3.43 13.46
C ALA B 368 -9.74 -3.26 11.96
N GLY B 369 -9.68 -4.33 11.15
CA GLY B 369 -9.76 -4.22 9.71
C GLY B 369 -10.95 -3.47 9.13
N PRO B 370 -12.16 -3.98 9.39
CA PRO B 370 -13.36 -3.34 8.81
C PRO B 370 -13.45 -1.87 9.16
N TRP B 371 -13.14 -1.51 10.41
CA TRP B 371 -13.17 -0.12 10.81
C TRP B 371 -12.20 0.70 9.97
N VAL B 372 -10.96 0.22 9.84
CA VAL B 372 -9.93 1.00 9.13
C VAL B 372 -10.29 1.19 7.66
N GLY B 373 -10.78 0.12 7.01
CA GLY B 373 -11.25 0.27 5.63
C GLY B 373 -12.37 1.29 5.48
N GLY B 374 -13.35 1.22 6.38
CA GLY B 374 -14.42 2.20 6.34
C GLY B 374 -13.87 3.60 6.56
N TRP B 375 -12.91 3.74 7.47
CA TRP B 375 -12.35 5.05 7.79
C TRP B 375 -11.63 5.63 6.59
N LEU B 376 -10.84 4.80 5.89
CA LEU B 376 -10.12 5.29 4.71
C LEU B 376 -11.09 5.74 3.63
N LYS B 377 -12.15 4.97 3.38
CA LYS B 377 -13.11 5.42 2.37
C LYS B 377 -13.74 6.76 2.76
N ASP B 378 -14.29 6.85 3.97
CA ASP B 378 -14.99 8.08 4.36
C ASP B 378 -14.05 9.28 4.38
N THR B 379 -12.79 9.04 4.75
CA THR B 379 -11.77 10.08 4.71
C THR B 379 -11.61 10.61 3.29
N THR B 380 -11.45 9.72 2.32
CA THR B 380 -11.23 10.20 0.96
C THR B 380 -12.52 10.42 0.19
N GLY B 381 -13.60 9.74 0.59
CA GLY B 381 -14.81 9.68 -0.19
C GLY B 381 -14.77 8.67 -1.31
N THR B 382 -13.67 7.91 -1.43
CA THR B 382 -13.49 6.95 -2.49
C THR B 382 -13.01 5.63 -1.93
N TYR B 383 -13.07 4.61 -2.78
CA TYR B 383 -12.61 3.27 -2.44
C TYR B 383 -11.14 3.07 -2.76
N TYR B 384 -10.49 4.06 -3.36
CA TYR B 384 -9.10 3.86 -3.81
C TYR B 384 -8.18 3.53 -2.65
N LEU B 385 -8.20 4.35 -1.59
CA LEU B 385 -7.24 4.12 -0.51
C LEU B 385 -7.40 2.75 0.13
N PRO B 386 -8.59 2.34 0.56
CA PRO B 386 -8.68 1.06 1.26
C PRO B 386 -8.24 -0.11 0.40
N PHE B 387 -8.63 -0.13 -0.88
CA PHE B 387 -8.23 -1.24 -1.74
C PHE B 387 -6.74 -1.17 -2.06
N LEU B 388 -6.19 0.04 -2.21
CA LEU B 388 -4.75 0.18 -2.42
C LEU B 388 -3.98 -0.33 -1.22
N CYS B 389 -4.43 0.00 -0.01
CA CYS B 389 -3.77 -0.48 1.18
C CYS B 389 -3.88 -2.00 1.29
N ALA B 390 -5.05 -2.55 0.99
CA ALA B 390 -5.23 -4.00 1.03
C ALA B 390 -4.30 -4.68 0.04
N ALA B 391 -4.22 -4.13 -1.18
CA ALA B 391 -3.32 -4.69 -2.19
C ALA B 391 -1.88 -4.61 -1.70
N ALA B 392 -1.49 -3.49 -1.11
CA ALA B 392 -0.13 -3.38 -0.60
C ALA B 392 0.15 -4.47 0.43
N LEU B 393 -0.77 -4.64 1.38
CA LEU B 393 -0.59 -5.65 2.42
C LEU B 393 -0.50 -7.05 1.82
N CYS B 394 -1.33 -7.34 0.83
CA CYS B 394 -1.24 -8.65 0.21
C CYS B 394 0.08 -8.81 -0.55
N ALA B 395 0.61 -7.75 -1.12
CA ALA B 395 1.91 -7.86 -1.79
C ALA B 395 3.00 -8.21 -0.80
N LEU B 396 3.03 -7.50 0.34
CA LEU B 396 3.98 -7.85 1.39
C LEU B 396 3.82 -9.32 1.80
N GLY B 397 2.58 -9.77 1.97
CA GLY B 397 2.36 -11.15 2.35
C GLY B 397 2.85 -12.13 1.31
N THR B 398 2.62 -11.82 0.03
CA THR B 398 3.12 -12.67 -1.06
C THR B 398 4.61 -12.88 -0.92
N ALA B 399 5.35 -11.78 -0.75
CA ALA B 399 6.80 -11.90 -0.64
C ALA B 399 7.18 -12.74 0.57
N ILE B 400 6.54 -12.47 1.72
CA ILE B 400 6.89 -13.19 2.96
C ILE B 400 6.62 -14.67 2.79
N VAL B 401 5.42 -15.04 2.35
CA VAL B 401 5.05 -16.45 2.24
C VAL B 401 5.92 -17.15 1.22
N PHE B 402 6.22 -16.46 0.11
CA PHE B 402 7.05 -17.08 -0.92
C PHE B 402 8.47 -17.31 -0.41
N MET B 403 9.00 -16.39 0.36
CA MET B 403 10.40 -16.52 0.74
C MET B 403 10.64 -17.28 2.04
N THR B 404 9.60 -17.62 2.81
CA THR B 404 9.79 -18.25 4.11
C THR B 404 9.72 -19.76 3.95
N LYS B 405 10.86 -20.38 4.00
CA LYS B 405 11.22 -21.79 3.98
C LYS B 405 11.41 -22.27 5.41
N PRO B 406 11.22 -23.57 5.69
CA PRO B 406 11.25 -24.11 7.07
C PRO B 406 12.44 -23.66 7.91
#